data_7UL6
#
_entry.id   7UL6
#
_cell.length_a   1.00
_cell.length_b   1.00
_cell.length_c   1.00
_cell.angle_alpha   90.00
_cell.angle_beta   90.00
_cell.angle_gamma   90.00
#
_symmetry.space_group_name_H-M   'P 1'
#
_entity_poly.entity_id   1
_entity_poly.type   'polypeptide(L)'
_entity_poly.pdbx_seq_one_letter_code
;QEHEPIGAQDERLSTLIHQRMQEAKVPALSVSVTIKGVRQRFVYGVADVASQKANTLDTVYELGSMSKAFTGLVVQILIQ
EGRLRQGDDIITYLPEMRLNYQGKPASLTVADFLYHTSGLPFSTLARLENPMPGSAVAQQLRNENLLFAPGAKFSYASAN
YDVLGAVIENVTGKTFTEVIAERLTQPLGMSATVAVKGDEIIVNKASGYKLGFGKPVLFHAPLARNHVPAAYIHSTLPDM
EIWIDAWLHRKALPATLREAMSNSWRGNSDVPLAADNRILYASGWFIDQNQGPYISHGGQNPNFSSCIALRPDQQIGIVA
LANMNSNLILQLCADIDNYLRIGKYADGAGDAITATDTLFVYLTLLLCFWGAVVVVRGAFRVYRATAHGPGKQQRLRLRV
RDYIIALAVPGLVAAMLYVAPGILSPGLDWRFILVWGPSSVLAIPFGIILLAFVLTLNHQIKRILLHNKEWDDEHHHHHH
HHHH
;
_entity_poly.pdbx_strand_id   A,B
#
# COMPACT_ATOMS: atom_id res chain seq x y z
N GLN A 9 15.21 3.80 31.45
CA GLN A 9 15.11 3.92 30.01
C GLN A 9 16.33 3.35 29.31
N ASP A 10 16.12 2.78 28.12
CA ASP A 10 17.23 2.49 27.22
C ASP A 10 17.55 3.73 26.42
N GLU A 11 18.79 4.20 26.53
CA GLU A 11 19.15 5.48 25.90
C GLU A 11 18.91 5.43 24.39
N ARG A 12 19.17 4.28 23.77
CA ARG A 12 18.90 4.15 22.34
C ARG A 12 17.41 4.25 22.05
N LEU A 13 16.59 3.61 22.90
CA LEU A 13 15.14 3.70 22.70
C LEU A 13 14.63 5.12 22.93
N SER A 14 15.19 5.82 23.93
CA SER A 14 14.80 7.21 24.14
C SER A 14 15.22 8.07 22.96
N THR A 15 16.38 7.79 22.38
CA THR A 15 16.79 8.50 21.17
C THR A 15 15.83 8.23 20.03
N LEU A 16 15.38 6.98 19.89
CA LEU A 16 14.36 6.65 18.90
C LEU A 16 13.10 7.49 19.12
N ILE A 17 12.65 7.56 20.37
CA ILE A 17 11.44 8.30 20.70
C ILE A 17 11.60 9.76 20.31
N HIS A 18 12.72 10.37 20.71
CA HIS A 18 12.93 11.79 20.42
C HIS A 18 13.06 12.03 18.92
N GLN A 19 13.73 11.12 18.20
CA GLN A 19 13.88 11.27 16.76
C GLN A 19 12.52 11.25 16.07
N ARG A 20 11.68 10.27 16.41
CA ARG A 20 10.36 10.19 15.80
C ARG A 20 9.52 11.39 16.17
N MET A 21 9.59 11.84 17.43
CA MET A 21 8.85 13.02 17.86
C MET A 21 9.25 14.24 17.04
N GLN A 22 10.56 14.48 16.91
CA GLN A 22 11.04 15.65 16.20
C GLN A 22 10.67 15.59 14.73
N GLU A 23 10.82 14.42 14.10
CA GLU A 23 10.47 14.30 12.68
C GLU A 23 8.98 14.50 12.46
N ALA A 24 8.14 14.01 13.37
CA ALA A 24 6.70 14.23 13.27
C ALA A 24 6.28 15.60 13.76
N LYS A 25 7.15 16.31 14.48
CA LYS A 25 6.88 17.67 14.95
C LYS A 25 5.64 17.73 15.83
N VAL A 26 5.33 16.64 16.53
CA VAL A 26 4.16 16.65 17.42
C VAL A 26 4.49 17.46 18.67
N PRO A 27 3.55 18.26 19.20
CA PRO A 27 3.83 19.00 20.44
C PRO A 27 4.22 18.09 21.61
N ALA A 28 3.59 16.90 21.72
CA ALA A 28 3.85 16.04 22.86
C ALA A 28 3.72 14.58 22.44
N LEU A 29 4.42 13.71 23.18
CA LEU A 29 4.43 12.27 22.92
C LEU A 29 4.55 11.53 24.24
N SER A 30 3.70 10.53 24.43
CA SER A 30 3.72 9.69 25.62
C SER A 30 3.80 8.24 25.19
N VAL A 31 4.84 7.53 25.63
CA VAL A 31 5.06 6.15 25.26
C VAL A 31 5.40 5.34 26.50
N SER A 32 4.79 4.17 26.62
CA SER A 32 5.09 3.21 27.67
C SER A 32 5.44 1.87 27.05
N VAL A 33 6.51 1.24 27.52
CA VAL A 33 7.00 -0.02 26.99
C VAL A 33 7.09 -1.01 28.13
N THR A 34 6.38 -2.13 28.00
CA THR A 34 6.38 -3.19 29.00
C THR A 34 7.06 -4.42 28.42
N ILE A 35 7.97 -5.01 29.18
CA ILE A 35 8.74 -6.19 28.75
C ILE A 35 8.67 -7.21 29.88
N LYS A 36 7.70 -8.12 29.78
CA LYS A 36 7.61 -9.27 30.70
C LYS A 36 7.68 -8.83 32.15
N GLY A 37 6.92 -7.78 32.48
CA GLY A 37 6.90 -7.21 33.81
C GLY A 37 7.76 -5.96 33.96
N VAL A 38 8.95 -5.95 33.35
CA VAL A 38 9.76 -4.74 33.35
C VAL A 38 9.10 -3.71 32.44
N ARG A 39 9.16 -2.44 32.87
CA ARG A 39 8.48 -1.37 32.15
C ARG A 39 9.40 -0.17 31.99
N GLN A 40 9.15 0.59 30.93
CA GLN A 40 9.85 1.83 30.66
C GLN A 40 8.82 2.87 30.25
N ARG A 41 9.06 4.13 30.63
CA ARG A 41 8.14 5.22 30.33
C ARG A 41 8.89 6.32 29.59
N PHE A 42 8.20 6.95 28.65
CA PHE A 42 8.75 8.04 27.84
C PHE A 42 7.65 9.10 27.72
N VAL A 43 7.70 10.07 28.62
CA VAL A 43 6.69 11.13 28.70
C VAL A 43 7.43 12.43 28.37
N TYR A 44 7.04 13.08 27.27
CA TYR A 44 7.82 14.19 26.74
C TYR A 44 6.90 15.23 26.12
N GLY A 45 7.46 16.41 25.86
CA GLY A 45 6.76 17.46 25.16
C GLY A 45 5.87 18.28 26.07
N VAL A 46 5.04 19.11 25.42
CA VAL A 46 4.11 20.00 26.10
C VAL A 46 2.70 19.61 25.68
N ALA A 47 1.83 19.39 26.67
CA ALA A 47 0.44 19.05 26.40
C ALA A 47 -0.32 20.19 25.73
N ASP A 48 0.20 21.42 25.81
CA ASP A 48 -0.43 22.57 25.16
C ASP A 48 0.64 23.62 24.90
N VAL A 49 0.88 23.91 23.62
CA VAL A 49 1.90 24.89 23.26
C VAL A 49 1.44 26.29 23.65
N ALA A 50 0.13 26.54 23.67
CA ALA A 50 -0.38 27.87 23.99
C ALA A 50 0.01 28.32 25.39
N SER A 51 0.30 27.38 26.30
CA SER A 51 0.70 27.74 27.65
C SER A 51 1.90 26.95 28.15
N GLN A 52 2.57 26.19 27.28
CA GLN A 52 3.74 25.40 27.67
C GLN A 52 3.41 24.48 28.84
N LYS A 53 2.22 23.89 28.80
CA LYS A 53 1.80 22.94 29.83
C LYS A 53 2.66 21.69 29.73
N ALA A 54 3.57 21.51 30.68
CA ALA A 54 4.50 20.39 30.61
C ALA A 54 3.73 19.06 30.59
N ASN A 55 4.05 18.21 29.62
CA ASN A 55 3.35 16.95 29.48
C ASN A 55 3.74 16.01 30.62
N THR A 56 2.74 15.29 31.14
CA THR A 56 2.90 14.55 32.38
C THR A 56 2.07 13.28 32.32
N LEU A 57 2.36 12.36 33.24
CA LEU A 57 1.62 11.09 33.29
C LEU A 57 0.13 11.30 33.49
N ASP A 58 -0.28 12.40 34.12
CA ASP A 58 -1.69 12.59 34.45
C ASP A 58 -2.51 13.15 33.29
N THR A 59 -1.87 13.65 32.23
CA THR A 59 -2.61 14.25 31.14
C THR A 59 -3.42 13.21 30.38
N VAL A 60 -4.56 13.64 29.86
CA VAL A 60 -5.52 12.76 29.18
C VAL A 60 -5.37 12.95 27.67
N TYR A 61 -5.34 11.84 26.93
CA TYR A 61 -5.28 11.86 25.47
C TYR A 61 -6.48 11.11 24.90
N GLU A 62 -6.89 11.52 23.69
CA GLU A 62 -7.93 10.81 22.98
C GLU A 62 -7.36 9.55 22.33
N LEU A 63 -7.98 8.40 22.60
CA LEU A 63 -7.44 7.13 22.12
C LEU A 63 -7.67 6.94 20.63
N GLY A 64 -8.50 7.75 20.00
CA GLY A 64 -8.78 7.56 18.59
C GLY A 64 -9.43 6.22 18.30
N SER A 65 -8.87 5.47 17.36
CA SER A 65 -9.51 4.23 16.92
C SER A 65 -9.14 3.04 17.79
N MET A 66 -8.22 3.20 18.73
CA MET A 66 -7.95 2.12 19.69
C MET A 66 -9.11 2.01 20.67
N SER A 67 -10.04 2.97 20.59
CA SER A 67 -11.29 2.87 21.34
C SER A 67 -12.06 1.62 20.95
N LYS A 68 -11.98 1.24 19.67
CA LYS A 68 -12.69 0.09 19.16
C LYS A 68 -12.34 -1.16 19.96
N ALA A 69 -11.14 -1.20 20.53
CA ALA A 69 -10.79 -2.28 21.44
C ALA A 69 -11.71 -2.31 22.65
N PHE A 70 -12.01 -1.13 23.21
CA PHE A 70 -12.92 -1.07 24.35
C PHE A 70 -14.32 -1.52 23.96
N THR A 71 -14.84 -1.00 22.84
CA THR A 71 -16.18 -1.39 22.40
C THR A 71 -16.22 -2.87 22.03
N GLY A 72 -15.17 -3.36 21.37
CA GLY A 72 -15.13 -4.78 21.05
C GLY A 72 -15.13 -5.64 22.29
N LEU A 73 -14.35 -5.24 23.31
CA LEU A 73 -14.32 -5.99 24.55
C LEU A 73 -15.68 -5.96 25.25
N VAL A 74 -16.36 -4.81 25.21
CA VAL A 74 -17.69 -4.72 25.80
C VAL A 74 -18.65 -5.68 25.10
N VAL A 75 -18.62 -5.69 23.77
CA VAL A 75 -19.51 -6.58 23.03
C VAL A 75 -19.17 -8.03 23.31
N GLN A 76 -17.87 -8.34 23.44
CA GLN A 76 -17.48 -9.71 23.76
C GLN A 76 -17.92 -10.11 25.17
N ILE A 77 -17.87 -9.17 26.12
CA ILE A 77 -18.39 -9.45 27.45
C ILE A 77 -19.88 -9.74 27.39
N LEU A 78 -20.62 -8.90 26.68
CA LEU A 78 -22.06 -9.12 26.52
C LEU A 78 -22.33 -10.47 25.85
N ILE A 79 -21.45 -10.87 24.93
CA ILE A 79 -21.59 -12.17 24.26
C ILE A 79 -21.33 -13.30 25.24
N GLN A 80 -20.35 -13.13 26.12
CA GLN A 80 -20.04 -14.15 27.12
C GLN A 80 -21.22 -14.36 28.05
N GLU A 81 -21.85 -13.26 28.50
CA GLU A 81 -23.01 -13.36 29.37
C GLU A 81 -24.24 -13.89 28.66
N GLY A 82 -24.20 -14.04 27.34
CA GLY A 82 -25.31 -14.54 26.58
C GLY A 82 -26.38 -13.52 26.25
N ARG A 83 -26.16 -12.26 26.61
CA ARG A 83 -27.11 -11.21 26.26
C ARG A 83 -27.11 -10.92 24.76
N LEU A 84 -26.08 -11.34 24.04
CA LEU A 84 -25.94 -11.05 22.63
C LEU A 84 -25.15 -12.19 21.98
N ARG A 85 -25.46 -12.46 20.71
CA ARG A 85 -24.80 -13.52 19.97
C ARG A 85 -24.27 -12.98 18.64
N GLN A 86 -23.20 -13.61 18.14
CA GLN A 86 -22.56 -13.13 16.92
C GLN A 86 -23.50 -13.21 15.72
N GLY A 87 -24.33 -14.25 15.66
CA GLY A 87 -25.21 -14.45 14.52
C GLY A 87 -26.51 -13.69 14.55
N ASP A 88 -26.75 -12.87 15.59
CA ASP A 88 -28.01 -12.16 15.70
C ASP A 88 -28.17 -11.15 14.58
N ASP A 89 -29.34 -11.16 13.93
CA ASP A 89 -29.65 -10.16 12.92
C ASP A 89 -29.75 -8.79 13.57
N ILE A 90 -29.19 -7.78 12.90
CA ILE A 90 -29.12 -6.45 13.49
C ILE A 90 -30.51 -5.88 13.74
N ILE A 91 -31.49 -6.26 12.92
CA ILE A 91 -32.85 -5.77 13.11
C ILE A 91 -33.39 -6.10 14.49
N THR A 92 -32.89 -7.16 15.12
CA THR A 92 -33.37 -7.54 16.45
C THR A 92 -33.06 -6.47 17.49
N TYR A 93 -31.96 -5.73 17.30
CA TYR A 93 -31.55 -4.68 18.22
C TYR A 93 -31.67 -3.27 17.66
N LEU A 94 -31.69 -3.11 16.34
CA LEU A 94 -31.93 -1.82 15.70
C LEU A 94 -33.05 -1.98 14.68
N PRO A 95 -34.30 -2.05 15.14
CA PRO A 95 -35.41 -2.19 14.19
C PRO A 95 -35.50 -1.07 13.17
N GLU A 96 -35.00 0.12 13.51
CA GLU A 96 -35.03 1.24 12.58
C GLU A 96 -34.03 1.13 11.45
N MET A 97 -33.11 0.17 11.52
CA MET A 97 -32.03 0.08 10.56
C MET A 97 -32.53 -0.50 9.23
N ARG A 98 -32.15 0.14 8.14
CA ARG A 98 -32.33 -0.39 6.79
C ARG A 98 -31.06 -0.14 5.99
N LEU A 99 -30.57 -1.19 5.33
CA LEU A 99 -29.36 -1.11 4.52
C LEU A 99 -29.59 -1.82 3.20
N ASN A 100 -29.05 -1.27 2.12
CA ASN A 100 -29.32 -1.73 0.77
C ASN A 100 -28.04 -2.22 0.10
N TYR A 101 -28.14 -3.35 -0.60
CA TYR A 101 -27.09 -3.83 -1.49
C TYR A 101 -27.72 -4.02 -2.86
N GLN A 102 -27.24 -3.26 -3.85
CA GLN A 102 -27.84 -3.27 -5.19
C GLN A 102 -29.33 -2.96 -5.13
N GLY A 103 -29.72 -2.11 -4.18
CA GLY A 103 -31.11 -1.75 -3.99
C GLY A 103 -31.94 -2.78 -3.25
N LYS A 104 -31.36 -3.91 -2.85
CA LYS A 104 -32.07 -4.94 -2.12
C LYS A 104 -31.74 -4.85 -0.64
N PRO A 105 -32.74 -4.87 0.25
CA PRO A 105 -32.43 -4.84 1.69
C PRO A 105 -31.54 -6.01 2.09
N ALA A 106 -30.54 -5.72 2.91
CA ALA A 106 -29.53 -6.70 3.30
C ALA A 106 -29.57 -6.92 4.80
N SER A 107 -29.62 -8.19 5.21
CA SER A 107 -29.59 -8.55 6.63
C SER A 107 -28.14 -8.69 7.08
N LEU A 108 -27.78 -7.95 8.13
CA LEU A 108 -26.42 -7.96 8.67
C LEU A 108 -26.45 -8.52 10.08
N THR A 109 -25.58 -9.49 10.34
CA THR A 109 -25.39 -9.98 11.70
C THR A 109 -24.54 -9.00 12.49
N VAL A 110 -24.63 -9.09 13.82
CA VAL A 110 -23.77 -8.25 14.66
C VAL A 110 -22.31 -8.56 14.40
N ALA A 111 -22.01 -9.82 14.04
CA ALA A 111 -20.65 -10.19 13.69
C ALA A 111 -20.14 -9.40 12.49
N ASP A 112 -21.03 -9.05 11.56
CA ASP A 112 -20.61 -8.29 10.39
C ASP A 112 -20.02 -6.95 10.80
N PHE A 113 -20.68 -6.25 11.72
CA PHE A 113 -20.13 -4.99 12.22
C PHE A 113 -18.92 -5.23 13.09
N LEU A 114 -18.93 -6.31 13.87
CA LEU A 114 -17.83 -6.58 14.79
C LEU A 114 -16.50 -6.79 14.06
N TYR A 115 -16.55 -7.39 12.86
CA TYR A 115 -15.35 -7.70 12.10
C TYR A 115 -15.25 -6.91 10.80
N HIS A 116 -15.95 -5.78 10.71
CA HIS A 116 -15.87 -4.89 9.55
C HIS A 116 -16.15 -5.63 8.24
N THR A 117 -17.18 -6.47 8.24
CA THR A 117 -17.71 -7.08 7.03
C THR A 117 -19.13 -6.61 6.75
N SER A 118 -19.47 -5.39 7.19
CA SER A 118 -20.82 -4.88 7.03
C SER A 118 -21.07 -4.32 5.63
N GLY A 119 -20.04 -3.78 4.98
CA GLY A 119 -20.21 -3.16 3.69
C GLY A 119 -20.49 -1.68 3.71
N LEU A 120 -20.50 -1.05 4.89
CA LEU A 120 -20.70 0.40 4.96
C LEU A 120 -19.55 1.11 4.25
N PRO A 121 -19.80 2.20 3.55
CA PRO A 121 -18.74 2.88 2.84
C PRO A 121 -18.03 3.97 3.63
N PHE A 122 -16.71 3.94 3.57
CA PHE A 122 -15.90 4.76 4.47
C PHE A 122 -16.41 6.19 4.60
N SER A 123 -17.11 6.69 3.58
CA SER A 123 -17.64 8.05 3.63
C SER A 123 -18.68 8.24 4.72
N THR A 124 -19.26 7.16 5.27
CA THR A 124 -20.21 7.34 6.36
C THR A 124 -19.54 7.89 7.61
N LEU A 125 -18.20 7.82 7.69
CA LEU A 125 -17.48 8.50 8.75
C LEU A 125 -17.79 9.99 8.74
N ALA A 126 -17.84 10.59 7.54
CA ALA A 126 -18.12 12.01 7.45
C ALA A 126 -19.52 12.34 7.97
N ARG A 127 -20.50 11.48 7.71
CA ARG A 127 -21.86 11.73 8.20
C ARG A 127 -21.97 11.45 9.69
N LEU A 128 -21.29 10.43 10.20
CA LEU A 128 -21.31 10.17 11.63
C LEU A 128 -20.37 11.09 12.39
N GLU A 129 -19.26 11.50 11.78
CA GLU A 129 -18.40 12.50 12.40
C GLU A 129 -19.10 13.84 12.52
N ASN A 130 -20.15 14.07 11.74
CA ASN A 130 -20.92 15.30 11.84
C ASN A 130 -21.59 15.38 13.20
N PRO A 131 -21.43 16.45 13.97
CA PRO A 131 -22.14 16.53 15.25
C PRO A 131 -23.64 16.40 15.11
N MET A 132 -24.21 16.97 14.04
CA MET A 132 -25.63 16.82 13.76
C MET A 132 -26.45 17.22 14.97
N SER A 135 -30.62 12.45 16.89
CA SER A 135 -30.80 11.29 16.03
C SER A 135 -29.84 10.17 16.41
N ALA A 136 -30.29 8.92 16.27
CA ALA A 136 -29.48 7.76 16.58
C ALA A 136 -28.71 7.28 15.35
N VAL A 137 -27.97 6.18 15.53
CA VAL A 137 -27.15 5.64 14.46
C VAL A 137 -28.02 5.21 13.28
N ALA A 138 -29.22 4.70 13.57
CA ALA A 138 -30.10 4.24 12.49
C ALA A 138 -30.45 5.40 11.55
N GLN A 139 -30.78 6.56 12.10
CA GLN A 139 -31.14 7.70 11.25
C GLN A 139 -29.97 8.15 10.40
N GLN A 140 -28.77 8.23 10.98
CA GLN A 140 -27.59 8.64 10.22
C GLN A 140 -27.14 7.58 9.23
N LEU A 141 -27.56 6.33 9.39
CA LEU A 141 -27.28 5.27 8.43
C LEU A 141 -28.54 4.80 7.70
N ARG A 142 -29.66 5.47 7.87
CA ARG A 142 -30.90 5.06 7.22
C ARG A 142 -30.73 5.03 5.71
N ASN A 143 -31.10 3.91 5.09
CA ASN A 143 -31.11 3.78 3.64
C ASN A 143 -29.71 3.96 3.03
N GLU A 144 -28.67 3.67 3.80
CA GLU A 144 -27.32 3.74 3.26
C GLU A 144 -27.08 2.59 2.28
N ASN A 145 -26.28 2.87 1.25
CA ASN A 145 -25.97 1.90 0.20
C ASN A 145 -24.60 1.30 0.49
N LEU A 146 -24.55 -0.03 0.60
CA LEU A 146 -23.32 -0.70 0.98
C LEU A 146 -22.36 -0.81 -0.20
N LEU A 147 -21.06 -0.82 0.12
CA LEU A 147 -20.04 -1.00 -0.90
C LEU A 147 -19.95 -2.44 -1.36
N PHE A 148 -20.24 -3.41 -0.48
CA PHE A 148 -20.13 -4.81 -0.82
C PHE A 148 -21.08 -5.61 0.06
N ALA A 149 -21.32 -6.86 -0.33
CA ALA A 149 -22.25 -7.70 0.40
C ALA A 149 -21.72 -8.01 1.80
N PRO A 150 -22.59 -8.14 2.78
CA PRO A 150 -22.14 -8.50 4.13
C PRO A 150 -21.38 -9.82 4.13
N GLY A 151 -20.27 -9.86 4.86
CA GLY A 151 -19.48 -11.06 5.00
C GLY A 151 -18.66 -11.44 3.78
N ALA A 152 -18.73 -10.68 2.70
CA ALA A 152 -18.02 -11.01 1.47
C ALA A 152 -16.66 -10.33 1.37
N LYS A 153 -16.36 -9.36 2.24
CA LYS A 153 -15.14 -8.59 2.12
C LYS A 153 -14.80 -7.99 3.48
N PHE A 154 -13.54 -7.58 3.61
CA PHE A 154 -13.08 -6.83 4.77
C PHE A 154 -12.72 -5.41 4.33
N SER A 155 -13.32 -4.43 4.98
CA SER A 155 -13.06 -3.02 4.67
C SER A 155 -13.19 -2.23 5.97
N TYR A 156 -12.12 -1.52 6.32
CA TYR A 156 -12.04 -0.85 7.62
C TYR A 156 -12.86 0.45 7.62
N ALA A 157 -14.17 0.29 7.45
CA ALA A 157 -15.11 1.40 7.58
C ALA A 157 -15.23 1.75 9.06
N SER A 158 -14.60 2.86 9.46
CA SER A 158 -14.53 3.21 10.88
C SER A 158 -15.91 3.37 11.51
N ALA A 159 -16.94 3.63 10.70
CA ALA A 159 -18.28 3.84 11.23
C ALA A 159 -18.92 2.56 11.76
N ASN A 160 -18.31 1.40 11.51
CA ASN A 160 -18.97 0.14 11.84
C ASN A 160 -19.27 0.02 13.34
N TYR A 161 -18.32 0.41 14.20
CA TYR A 161 -18.49 0.19 15.63
C TYR A 161 -19.48 1.14 16.27
N ASP A 162 -19.91 2.20 15.60
CA ASP A 162 -21.00 3.02 16.11
C ASP A 162 -22.31 2.23 16.14
N VAL A 163 -22.55 1.43 15.10
CA VAL A 163 -23.66 0.49 15.13
C VAL A 163 -23.51 -0.45 16.31
N LEU A 164 -22.29 -0.89 16.58
CA LEU A 164 -22.06 -1.70 17.77
C LEU A 164 -22.30 -0.91 19.04
N GLY A 165 -22.06 0.39 19.02
CA GLY A 165 -22.42 1.22 20.16
C GLY A 165 -23.92 1.22 20.41
N ALA A 166 -24.70 1.36 19.33
CA ALA A 166 -26.16 1.29 19.47
C ALA A 166 -26.60 -0.07 19.96
N VAL A 167 -25.94 -1.14 19.48
CA VAL A 167 -26.26 -2.48 19.93
C VAL A 167 -25.99 -2.61 21.43
N ILE A 168 -24.85 -2.09 21.88
CA ILE A 168 -24.52 -2.12 23.31
C ILE A 168 -25.58 -1.39 24.11
N GLU A 169 -25.95 -0.19 23.64
CA GLU A 169 -26.91 0.62 24.39
C GLU A 169 -28.26 -0.08 24.50
N ASN A 170 -28.74 -0.64 23.39
CA ASN A 170 -30.06 -1.26 23.41
C ASN A 170 -30.06 -2.57 24.17
N VAL A 171 -29.06 -3.43 23.95
CA VAL A 171 -29.02 -4.72 24.62
C VAL A 171 -28.80 -4.54 26.12
N THR A 172 -27.99 -3.56 26.52
CA THR A 172 -27.64 -3.36 27.92
C THR A 172 -28.57 -2.35 28.60
N GLY A 173 -29.30 -1.54 27.83
CA GLY A 173 -30.28 -0.63 28.40
C GLY A 173 -29.69 0.57 29.12
N LYS A 174 -28.47 0.97 28.77
CA LYS A 174 -27.83 2.12 29.38
C LYS A 174 -27.06 2.89 28.31
N THR A 175 -26.75 4.14 28.61
CA THR A 175 -25.92 4.93 27.72
C THR A 175 -24.50 4.37 27.69
N PHE A 176 -23.84 4.52 26.54
CA PHE A 176 -22.56 3.86 26.32
C PHE A 176 -21.55 4.19 27.41
N THR A 177 -21.54 5.43 27.88
CA THR A 177 -20.56 5.82 28.89
C THR A 177 -20.71 4.99 30.16
N GLU A 178 -21.95 4.80 30.61
CA GLU A 178 -22.18 4.01 31.81
C GLU A 178 -21.79 2.55 31.60
N VAL A 179 -22.07 2.00 30.41
CA VAL A 179 -21.69 0.61 30.14
C VAL A 179 -20.18 0.47 30.21
N ILE A 180 -19.45 1.42 29.61
CA ILE A 180 -17.99 1.38 29.67
C ILE A 180 -17.52 1.44 31.12
N ALA A 181 -18.04 2.41 31.87
CA ALA A 181 -17.59 2.58 33.25
C ALA A 181 -17.85 1.33 34.07
N GLU A 182 -19.00 0.69 33.85
CA GLU A 182 -19.35 -0.48 34.65
C GLU A 182 -18.55 -1.72 34.22
N ARG A 183 -18.28 -1.86 32.92
CA ARG A 183 -17.74 -3.11 32.41
C ARG A 183 -16.21 -3.13 32.35
N LEU A 184 -15.58 -2.04 31.92
CA LEU A 184 -14.15 -2.04 31.67
C LEU A 184 -13.40 -1.18 32.70
N THR A 185 -13.78 0.09 32.85
CA THR A 185 -12.99 1.00 33.67
C THR A 185 -12.95 0.55 35.13
N GLN A 186 -14.11 0.24 35.71
CA GLN A 186 -14.15 -0.06 37.14
C GLN A 186 -13.61 -1.44 37.45
N PRO A 187 -14.02 -2.51 36.77
CA PRO A 187 -13.45 -3.84 37.08
C PRO A 187 -11.95 -3.90 36.91
N LEU A 188 -11.40 -3.19 35.94
CA LEU A 188 -9.96 -3.20 35.70
C LEU A 188 -9.20 -2.22 36.59
N GLY A 189 -9.90 -1.46 37.42
CA GLY A 189 -9.24 -0.49 38.28
C GLY A 189 -8.69 0.71 37.55
N MET A 190 -9.19 0.98 36.34
CA MET A 190 -8.69 2.11 35.56
C MET A 190 -9.20 3.41 36.18
N SER A 191 -8.31 4.38 36.37
CA SER A 191 -8.60 5.53 37.21
C SER A 191 -9.24 6.69 36.44
N ALA A 192 -8.92 6.88 35.16
CA ALA A 192 -9.34 8.07 34.44
C ALA A 192 -9.97 7.79 33.08
N THR A 193 -9.81 6.60 32.50
CA THR A 193 -10.36 6.33 31.19
C THR A 193 -11.88 6.43 31.23
N VAL A 194 -12.44 7.23 30.32
CA VAL A 194 -13.87 7.48 30.26
C VAL A 194 -14.30 7.67 28.82
N ALA A 195 -15.48 7.17 28.47
CA ALA A 195 -16.10 7.44 27.19
C ALA A 195 -16.97 8.69 27.34
N VAL A 196 -16.58 9.77 26.65
CA VAL A 196 -17.22 11.06 26.89
C VAL A 196 -18.70 11.00 26.52
N LYS A 197 -19.51 11.76 27.24
CA LYS A 197 -20.93 11.89 26.94
C LYS A 197 -21.12 12.94 25.85
N GLY A 198 -20.49 12.74 24.70
CA GLY A 198 -20.47 13.78 23.68
C GLY A 198 -19.47 14.86 24.04
N ASP A 199 -19.80 16.10 23.71
CA ASP A 199 -18.94 17.21 24.06
C ASP A 199 -18.85 17.35 25.58
N GLU A 200 -17.65 17.22 26.11
CA GLU A 200 -17.45 17.23 27.56
C GLU A 200 -16.09 17.81 27.88
N ILE A 201 -15.97 18.39 29.07
CA ILE A 201 -14.74 19.00 29.54
C ILE A 201 -14.09 18.04 30.55
N ILE A 202 -12.78 17.82 30.40
CA ILE A 202 -12.03 16.90 31.25
C ILE A 202 -10.78 17.59 31.75
N VAL A 203 -10.40 17.31 32.99
CA VAL A 203 -9.29 18.00 33.63
C VAL A 203 -7.98 17.58 32.99
N ASN A 204 -7.13 18.57 32.71
CA ASN A 204 -5.76 18.33 32.24
C ASN A 204 -5.73 17.52 30.94
N LYS A 205 -6.75 17.69 30.10
CA LYS A 205 -6.70 17.12 28.76
C LYS A 205 -5.69 17.90 27.91
N ALA A 206 -4.88 17.17 27.16
CA ALA A 206 -3.93 17.82 26.25
C ALA A 206 -4.68 18.43 25.09
N SER A 207 -4.39 19.70 24.79
CA SER A 207 -5.07 20.38 23.70
C SER A 207 -4.70 19.76 22.37
N GLY A 208 -5.71 19.45 21.55
CA GLY A 208 -5.45 18.83 20.28
C GLY A 208 -4.72 19.76 19.32
N TYR A 209 -3.92 19.18 18.45
CA TYR A 209 -3.14 19.94 17.48
C TYR A 209 -3.17 19.23 16.13
N LYS A 210 -3.11 20.04 15.07
CA LYS A 210 -3.07 19.54 13.71
C LYS A 210 -2.10 20.39 12.90
N LEU A 211 -1.45 19.77 11.92
CA LEU A 211 -0.42 20.45 11.16
C LEU A 211 -1.03 21.56 10.29
N GLY A 212 -0.35 22.70 10.27
CA GLY A 212 -0.72 23.77 9.37
C GLY A 212 0.46 24.63 8.98
N PHE A 213 0.70 24.75 7.67
CA PHE A 213 1.80 25.56 7.13
C PHE A 213 3.12 25.23 7.83
N GLY A 214 3.35 23.94 8.08
CA GLY A 214 4.63 23.48 8.57
C GLY A 214 4.79 23.45 10.07
N LYS A 215 3.82 23.94 10.83
CA LYS A 215 3.91 23.96 12.28
C LYS A 215 2.57 23.55 12.87
N PRO A 216 2.55 23.03 14.09
CA PRO A 216 1.28 22.62 14.71
C PRO A 216 0.33 23.81 14.87
N VAL A 217 -0.96 23.55 14.69
CA VAL A 217 -2.02 24.52 14.91
C VAL A 217 -3.00 23.94 15.92
N LEU A 218 -3.32 24.71 16.95
CA LEU A 218 -4.26 24.25 17.96
C LEU A 218 -5.63 24.06 17.32
N PHE A 219 -6.16 22.83 17.40
CA PHE A 219 -7.39 22.46 16.71
C PHE A 219 -8.32 21.74 17.68
N HIS A 220 -9.59 22.14 17.67
CA HIS A 220 -10.61 21.48 18.47
C HIS A 220 -11.92 21.48 17.71
N ALA A 221 -12.60 20.35 17.71
CA ALA A 221 -13.89 20.19 17.06
C ALA A 221 -14.85 19.49 18.01
N PRO A 222 -16.15 19.71 17.85
CA PRO A 222 -17.11 19.02 18.73
C PRO A 222 -16.96 17.50 18.62
N LEU A 223 -17.09 16.82 19.76
CA LEU A 223 -17.03 15.36 19.81
C LEU A 223 -18.44 14.83 19.62
N ALA A 224 -18.75 14.48 18.38
CA ALA A 224 -20.07 13.91 18.07
C ALA A 224 -20.39 12.79 19.04
N ARG A 225 -21.54 12.93 19.72
CA ARG A 225 -21.93 11.92 20.71
C ARG A 225 -22.02 10.53 20.09
N ASN A 226 -22.54 10.44 18.87
CA ASN A 226 -22.78 9.14 18.25
C ASN A 226 -21.49 8.45 17.81
N HIS A 227 -20.37 9.16 17.74
CA HIS A 227 -19.12 8.58 17.30
C HIS A 227 -18.24 8.09 18.45
N VAL A 228 -18.64 8.34 19.70
CA VAL A 228 -17.85 7.95 20.87
C VAL A 228 -17.68 6.44 20.92
N PRO A 229 -18.71 5.63 20.63
CA PRO A 229 -18.53 4.18 20.69
C PRO A 229 -17.50 3.63 19.71
N ALA A 230 -16.94 4.46 18.83
CA ALA A 230 -15.88 4.02 17.94
C ALA A 230 -14.64 4.90 18.01
N ALA A 231 -14.67 5.98 18.78
CA ALA A 231 -13.51 6.85 18.95
C ALA A 231 -13.78 7.75 20.16
N TYR A 232 -12.91 8.74 20.35
CA TYR A 232 -13.10 9.81 21.34
C TYR A 232 -13.14 9.30 22.78
N ILE A 233 -12.83 8.03 23.02
CA ILE A 233 -12.65 7.58 24.40
C ILE A 233 -11.32 8.10 24.93
N HIS A 234 -11.35 8.68 26.12
CA HIS A 234 -10.22 9.39 26.69
C HIS A 234 -9.50 8.50 27.69
N SER A 235 -8.17 8.60 27.74
CA SER A 235 -7.39 7.78 28.65
C SER A 235 -6.05 8.46 28.92
N THR A 236 -5.43 8.06 30.04
CA THR A 236 -4.10 8.49 30.41
C THR A 236 -3.10 7.36 30.20
N LEU A 237 -1.81 7.72 30.16
CA LEU A 237 -0.79 6.71 29.93
C LEU A 237 -0.74 5.66 31.04
N PRO A 238 -0.80 6.01 32.32
CA PRO A 238 -0.93 4.95 33.34
C PRO A 238 -2.16 4.09 33.13
N ASP A 239 -3.27 4.71 32.69
CA ASP A 239 -4.47 3.95 32.41
C ASP A 239 -4.24 2.94 31.29
N MET A 240 -3.52 3.35 30.24
CA MET A 240 -3.21 2.41 29.16
C MET A 240 -2.22 1.35 29.60
N GLU A 241 -1.33 1.68 30.54
CA GLU A 241 -0.45 0.66 31.11
C GLU A 241 -1.26 -0.40 31.83
N ILE A 242 -2.27 0.02 32.61
CA ILE A 242 -3.16 -0.95 33.24
C ILE A 242 -3.96 -1.71 32.18
N TRP A 243 -4.32 -1.05 31.09
CA TRP A 243 -5.04 -1.70 29.99
C TRP A 243 -4.21 -2.83 29.39
N ILE A 244 -2.92 -2.55 29.15
CA ILE A 244 -2.00 -3.57 28.64
C ILE A 244 -1.83 -4.69 29.67
N ASP A 245 -1.64 -4.32 30.94
CA ASP A 245 -1.48 -5.33 31.99
C ASP A 245 -2.76 -6.14 32.21
N ALA A 246 -3.91 -5.66 31.72
CA ALA A 246 -5.13 -6.44 31.75
C ALA A 246 -5.27 -7.35 30.55
N TRP A 247 -4.82 -6.93 29.37
CA TRP A 247 -4.81 -7.84 28.23
C TRP A 247 -3.78 -8.95 28.42
N LEU A 248 -2.58 -8.61 28.88
CA LEU A 248 -1.63 -9.59 29.35
C LEU A 248 -1.91 -9.90 30.82
N HIS A 249 -1.22 -10.90 31.36
CA HIS A 249 -1.24 -11.16 32.80
C HIS A 249 -2.67 -11.24 33.33
N ARG A 250 -3.49 -12.06 32.70
CA ARG A 250 -4.92 -12.16 33.00
C ARG A 250 -5.22 -12.98 34.25
N LYS A 251 -4.26 -13.28 35.12
CA LYS A 251 -4.52 -14.16 36.25
C LYS A 251 -5.58 -13.59 37.20
N ALA A 252 -5.55 -12.28 37.46
CA ALA A 252 -6.38 -11.69 38.51
C ALA A 252 -7.78 -11.33 38.04
N LEU A 253 -8.08 -11.42 36.75
CA LEU A 253 -9.33 -10.92 36.23
C LEU A 253 -10.49 -11.87 36.51
N PRO A 254 -11.73 -11.36 36.47
CA PRO A 254 -12.89 -12.26 36.62
C PRO A 254 -12.97 -13.26 35.48
N ALA A 255 -13.62 -14.40 35.76
CA ALA A 255 -13.69 -15.47 34.77
C ALA A 255 -14.38 -15.03 33.49
N THR A 256 -15.52 -14.34 33.62
CA THR A 256 -16.24 -13.90 32.43
C THR A 256 -15.41 -12.91 31.63
N LEU A 257 -14.74 -11.97 32.30
CA LEU A 257 -13.88 -11.02 31.61
C LEU A 257 -12.71 -11.73 30.94
N ARG A 258 -12.12 -12.71 31.63
CA ARG A 258 -11.01 -13.45 31.04
C ARG A 258 -11.44 -14.16 29.77
N GLU A 259 -12.57 -14.87 29.82
CA GLU A 259 -13.02 -15.59 28.63
C GLU A 259 -13.45 -14.64 27.53
N ALA A 260 -13.99 -13.47 27.87
CA ALA A 260 -14.31 -12.48 26.86
C ALA A 260 -13.04 -11.99 26.16
N MET A 261 -11.98 -11.74 26.94
CA MET A 261 -10.71 -11.36 26.32
C MET A 261 -10.17 -12.48 25.44
N SER A 262 -10.29 -13.74 25.90
CA SER A 262 -9.82 -14.86 25.10
C SER A 262 -10.52 -14.91 23.75
N ASN A 263 -11.84 -14.69 23.74
CA ASN A 263 -12.57 -14.67 22.48
C ASN A 263 -12.27 -13.41 21.68
N SER A 264 -11.86 -12.32 22.35
CA SER A 264 -11.67 -11.05 21.67
C SER A 264 -10.58 -11.10 20.62
N TRP A 265 -9.63 -12.02 20.74
CA TRP A 265 -8.53 -12.15 19.79
C TRP A 265 -8.78 -13.18 18.70
N ARG A 266 -10.00 -13.73 18.64
CA ARG A 266 -10.34 -14.71 17.61
C ARG A 266 -10.44 -14.00 16.26
N GLY A 267 -9.42 -14.19 15.43
CA GLY A 267 -9.40 -13.57 14.11
C GLY A 267 -10.51 -14.06 13.21
N ASN A 268 -11.12 -13.14 12.47
CA ASN A 268 -12.20 -13.47 11.54
C ASN A 268 -11.58 -14.07 10.28
N SER A 269 -11.53 -15.42 10.22
CA SER A 269 -10.89 -16.09 9.11
C SER A 269 -11.72 -16.09 7.85
N ASP A 270 -13.04 -15.89 7.95
CA ASP A 270 -13.93 -16.00 6.79
C ASP A 270 -14.06 -14.66 6.08
N VAL A 271 -12.97 -14.20 5.46
CA VAL A 271 -12.99 -13.04 4.57
C VAL A 271 -11.90 -13.25 3.54
N PRO A 272 -12.08 -12.86 2.28
CA PRO A 272 -10.97 -12.94 1.32
C PRO A 272 -9.82 -12.05 1.76
N LEU A 273 -8.60 -12.55 1.60
CA LEU A 273 -7.39 -11.85 2.00
C LEU A 273 -6.51 -11.61 0.78
N ALA A 274 -6.00 -10.38 0.66
CA ALA A 274 -5.11 -10.05 -0.45
C ALA A 274 -3.79 -10.78 -0.31
N ALA A 275 -3.04 -10.82 -1.42
CA ALA A 275 -1.81 -11.60 -1.45
C ALA A 275 -0.79 -11.10 -0.44
N ASP A 276 -0.62 -9.78 -0.33
CA ASP A 276 0.48 -9.19 0.42
C ASP A 276 0.06 -8.65 1.77
N ASN A 277 -1.19 -8.87 2.19
CA ASN A 277 -1.65 -8.30 3.46
C ASN A 277 -1.94 -9.38 4.51
N ARG A 278 -2.89 -10.26 4.22
CA ARG A 278 -3.26 -11.36 5.12
C ARG A 278 -3.31 -10.93 6.59
N ILE A 279 -3.73 -9.69 6.84
CA ILE A 279 -3.92 -9.24 8.23
C ILE A 279 -5.31 -9.67 8.67
N LEU A 280 -5.36 -10.54 9.68
CA LEU A 280 -6.63 -10.94 10.28
C LEU A 280 -7.10 -9.86 11.26
N TYR A 281 -8.42 -9.68 11.34
CA TYR A 281 -9.02 -8.71 12.23
C TYR A 281 -9.93 -9.43 13.22
N ALA A 282 -9.60 -9.35 14.50
CA ALA A 282 -10.43 -9.86 15.56
C ALA A 282 -11.37 -8.74 16.02
N SER A 283 -12.07 -8.93 17.14
CA SER A 283 -13.05 -7.94 17.61
C SER A 283 -12.30 -6.74 18.19
N GLY A 284 -11.70 -5.97 17.28
CA GLY A 284 -11.01 -4.75 17.67
C GLY A 284 -9.53 -4.76 17.37
N TRP A 285 -8.93 -5.94 17.27
CA TRP A 285 -7.50 -6.09 17.13
C TRP A 285 -7.15 -6.70 15.77
N PHE A 286 -6.15 -6.12 15.11
CA PHE A 286 -5.48 -6.83 14.02
C PHE A 286 -4.67 -7.98 14.60
N ILE A 287 -4.77 -9.15 13.97
CA ILE A 287 -4.04 -10.34 14.39
C ILE A 287 -3.07 -10.72 13.30
N ASP A 288 -1.78 -10.75 13.64
CA ASP A 288 -0.72 -11.11 12.70
C ASP A 288 0.13 -12.20 13.32
N GLN A 289 0.26 -13.32 12.60
CA GLN A 289 1.01 -14.46 13.12
C GLN A 289 2.51 -14.34 12.86
N ASN A 290 2.94 -13.41 12.00
CA ASN A 290 4.34 -13.30 11.65
C ASN A 290 5.15 -12.78 12.83
N GLN A 291 6.07 -13.59 13.33
CA GLN A 291 6.93 -13.22 14.46
C GLN A 291 6.09 -12.63 15.59
N GLY A 292 5.08 -13.40 15.99
CA GLY A 292 4.09 -12.92 16.92
C GLY A 292 3.53 -14.02 17.81
N PRO A 293 2.20 -14.03 18.02
CA PRO A 293 1.17 -13.12 17.48
C PRO A 293 1.43 -11.65 17.76
N TYR A 294 1.46 -10.82 16.72
CA TYR A 294 1.60 -9.37 16.86
C TYR A 294 0.20 -8.77 16.82
N ILE A 295 -0.32 -8.43 17.98
CA ILE A 295 -1.71 -7.99 18.14
C ILE A 295 -1.67 -6.49 18.39
N SER A 296 -2.30 -5.72 17.50
CA SER A 296 -2.18 -4.27 17.55
C SER A 296 -3.31 -3.63 16.76
N HIS A 297 -3.77 -2.48 17.24
CA HIS A 297 -4.59 -1.57 16.46
C HIS A 297 -3.78 -0.28 16.25
N GLY A 298 -4.40 0.72 15.67
CA GLY A 298 -3.76 1.99 15.43
C GLY A 298 -4.78 3.03 14.98
N GLY A 299 -4.74 4.21 15.58
CA GLY A 299 -5.79 5.19 15.36
C GLY A 299 -5.31 6.61 15.26
N GLN A 300 -5.78 7.33 14.23
CA GLN A 300 -5.54 8.75 14.10
C GLN A 300 -6.87 9.48 14.11
N ASN A 301 -7.02 10.41 15.06
CA ASN A 301 -8.18 11.29 15.07
C ASN A 301 -7.80 12.57 14.34
N PRO A 302 -8.75 13.48 14.08
CA PRO A 302 -8.39 14.73 13.39
C PRO A 302 -7.31 15.51 14.13
N ASN A 303 -7.30 15.46 15.46
CA ASN A 303 -6.34 16.21 16.26
C ASN A 303 -5.64 15.33 17.30
N PHE A 304 -5.65 14.01 17.12
CA PHE A 304 -4.95 13.10 18.02
C PHE A 304 -4.52 11.87 17.22
N SER A 305 -3.62 11.09 17.82
CA SER A 305 -3.18 9.84 17.23
C SER A 305 -2.69 8.93 18.35
N SER A 306 -2.82 7.62 18.12
CA SER A 306 -2.39 6.64 19.11
C SER A 306 -2.43 5.23 18.52
N CYS A 307 -1.42 4.42 18.83
CA CYS A 307 -1.39 3.03 18.37
C CYS A 307 -0.82 2.15 19.47
N ILE A 308 -1.52 1.06 19.76
CA ILE A 308 -1.10 0.08 20.75
C ILE A 308 -0.71 -1.20 20.03
N ALA A 309 0.33 -1.87 20.56
CA ALA A 309 0.82 -3.10 19.95
C ALA A 309 1.19 -4.08 21.04
N LEU A 310 0.70 -5.32 20.92
CA LEU A 310 0.95 -6.37 21.89
C LEU A 310 1.59 -7.56 21.20
N ARG A 311 2.47 -8.24 21.93
CA ARG A 311 3.12 -9.48 21.49
C ARG A 311 3.08 -10.47 22.64
N PRO A 312 1.90 -11.04 22.92
CA PRO A 312 1.71 -11.76 24.19
C PRO A 312 2.66 -12.92 24.39
N ASP A 313 3.06 -13.63 23.33
CA ASP A 313 3.94 -14.78 23.51
C ASP A 313 5.26 -14.40 24.19
N GLN A 314 5.72 -13.17 24.00
CA GLN A 314 6.87 -12.65 24.72
C GLN A 314 6.47 -11.59 25.75
N GLN A 315 5.17 -11.40 25.97
CA GLN A 315 4.68 -10.48 26.99
C GLN A 315 5.24 -9.07 26.80
N ILE A 316 5.36 -8.65 25.53
CA ILE A 316 5.73 -7.28 25.21
C ILE A 316 4.48 -6.53 24.79
N GLY A 317 4.51 -5.21 24.99
CA GLY A 317 3.51 -4.36 24.38
C GLY A 317 3.85 -2.89 24.47
N ILE A 318 3.80 -2.19 23.34
CA ILE A 318 3.95 -0.74 23.31
C ILE A 318 2.58 -0.09 23.47
N VAL A 319 2.54 1.15 23.95
CA VAL A 319 1.37 2.01 23.79
C VAL A 319 1.80 3.44 23.55
N ALA A 320 1.71 3.91 22.31
CA ALA A 320 2.09 5.27 21.97
C ALA A 320 0.83 6.13 21.83
N LEU A 321 0.67 7.09 22.74
CA LEU A 321 -0.35 8.13 22.64
C LEU A 321 0.31 9.45 22.30
N ALA A 322 -0.35 10.26 21.46
CA ALA A 322 0.23 11.49 20.96
C ALA A 322 -0.81 12.60 20.93
N ASN A 323 -0.32 13.84 20.92
CA ASN A 323 -1.13 15.05 20.92
C ASN A 323 -1.51 15.51 19.51
N MET A 324 -1.10 14.81 18.47
CA MET A 324 -1.25 15.31 17.11
C MET A 324 -1.36 14.15 16.13
N ASN A 325 -2.08 14.38 15.03
CA ASN A 325 -2.23 13.38 13.99
C ASN A 325 -1.00 13.38 13.09
N SER A 326 -0.36 12.22 12.97
CA SER A 326 0.80 12.07 12.08
C SER A 326 1.08 10.58 11.90
N ASN A 327 1.33 10.18 10.66
CA ASN A 327 1.47 8.76 10.36
C ASN A 327 2.69 8.13 11.04
N LEU A 328 3.69 8.93 11.41
CA LEU A 328 4.88 8.37 12.04
C LEU A 328 4.57 7.79 13.40
N ILE A 329 3.72 8.46 14.18
CA ILE A 329 3.42 8.01 15.54
C ILE A 329 2.27 7.00 15.48
N LEU A 330 1.78 6.73 14.28
CA LEU A 330 0.89 5.61 14.04
C LEU A 330 1.69 4.35 13.72
N GLN A 331 3.02 4.45 13.70
CA GLN A 331 3.89 3.30 13.49
C GLN A 331 5.08 3.33 14.46
N LEU A 332 5.05 4.21 15.46
CA LEU A 332 6.06 4.25 16.51
C LEU A 332 5.86 3.15 17.54
N CYS A 333 4.78 2.36 17.41
CA CYS A 333 4.55 1.17 18.20
C CYS A 333 4.80 -0.06 17.34
N ALA A 334 5.44 0.15 16.19
CA ALA A 334 5.97 -0.94 15.37
C ALA A 334 7.48 -0.76 15.29
N ASP A 335 7.92 0.49 15.22
CA ASP A 335 9.34 0.77 15.30
C ASP A 335 9.92 0.31 16.64
N ILE A 336 9.19 0.55 17.73
CA ILE A 336 9.66 0.14 19.05
C ILE A 336 9.70 -1.38 19.16
N ASP A 337 8.70 -2.06 18.59
CA ASP A 337 8.75 -3.53 18.56
C ASP A 337 9.95 -4.01 17.75
N ASN A 338 10.24 -3.36 16.63
CA ASN A 338 11.40 -3.74 15.84
C ASN A 338 12.68 -3.56 16.63
N TYR A 339 12.79 -2.45 17.37
CA TYR A 339 13.95 -2.26 18.23
C TYR A 339 14.06 -3.34 19.29
N LEU A 340 12.96 -3.65 19.97
CA LEU A 340 13.00 -4.67 21.02
C LEU A 340 13.36 -6.03 20.44
N ARG A 341 12.84 -6.35 19.26
CA ARG A 341 13.03 -7.68 18.68
C ARG A 341 14.41 -7.85 18.06
N ILE A 342 14.94 -6.81 17.42
CA ILE A 342 16.17 -6.94 16.63
C ILE A 342 17.22 -5.95 17.11
N GLY A 343 16.79 -4.85 17.72
CA GLY A 343 17.68 -3.74 17.98
C GLY A 343 17.89 -2.82 16.80
N LYS A 344 17.15 -3.03 15.71
CA LYS A 344 17.22 -2.19 14.53
C LYS A 344 15.82 -1.68 14.21
N TYR A 345 15.75 -0.51 13.58
CA TYR A 345 14.47 0.09 13.22
C TYR A 345 14.61 0.81 11.88
N ALA A 346 13.50 0.89 11.17
CA ALA A 346 13.49 1.42 9.82
C ALA A 346 13.52 2.94 9.81
N ASP A 347 13.83 3.50 8.64
CA ASP A 347 13.79 4.94 8.45
C ASP A 347 12.34 5.44 8.53
N GLY A 348 12.16 6.66 9.02
CA GLY A 348 10.84 7.22 9.16
C GLY A 348 10.08 7.30 7.86
N ALA A 349 8.87 6.74 7.84
CA ALA A 349 8.05 6.77 6.64
C ALA A 349 7.57 8.19 6.36
N GLY A 350 7.37 8.49 5.09
CA GLY A 350 6.88 9.80 4.70
C GLY A 350 5.47 10.04 5.19
N ASP A 351 5.31 10.91 6.17
CA ASP A 351 4.00 11.18 6.75
C ASP A 351 3.08 11.80 5.70
N ALA A 352 1.88 11.24 5.56
CA ALA A 352 0.93 11.77 4.59
C ALA A 352 0.51 13.19 4.94
N ILE A 353 0.25 13.47 6.22
CA ILE A 353 -0.17 14.81 6.62
C ILE A 353 0.94 15.81 6.34
N THR A 354 2.18 15.47 6.72
CA THR A 354 3.29 16.37 6.48
C THR A 354 3.50 16.62 5.00
N ALA A 355 3.43 15.56 4.19
CA ALA A 355 3.62 15.70 2.76
C ALA A 355 2.53 16.60 2.15
N THR A 356 1.28 16.37 2.54
CA THR A 356 0.19 17.18 2.00
C THR A 356 0.32 18.64 2.43
N ASP A 357 0.68 18.87 3.70
CA ASP A 357 0.82 20.24 4.17
C ASP A 357 1.95 20.96 3.44
N THR A 358 3.09 20.29 3.25
CA THR A 358 4.19 20.91 2.53
C THR A 358 3.82 21.15 1.07
N LEU A 359 3.11 20.20 0.45
CA LEU A 359 2.67 20.39 -0.93
C LEU A 359 1.76 21.61 -1.06
N PHE A 360 0.80 21.75 -0.14
CA PHE A 360 -0.07 22.92 -0.16
C PHE A 360 0.70 24.21 0.14
N VAL A 361 1.67 24.18 1.04
CA VAL A 361 2.52 25.35 1.23
C VAL A 361 3.15 25.76 -0.09
N TYR A 362 3.84 24.82 -0.73
CA TYR A 362 4.49 25.11 -2.01
C TYR A 362 3.50 25.64 -3.03
N LEU A 363 2.37 24.96 -3.20
CA LEU A 363 1.47 25.27 -4.30
C LEU A 363 0.70 26.56 -4.07
N THR A 364 0.26 26.81 -2.83
CA THR A 364 -0.41 28.08 -2.54
C THR A 364 0.55 29.25 -2.59
N LEU A 365 1.80 29.07 -2.15
CA LEU A 365 2.79 30.12 -2.31
C LEU A 365 3.04 30.40 -3.80
N LEU A 366 3.10 29.35 -4.60
CA LEU A 366 3.28 29.53 -6.04
C LEU A 366 2.08 30.25 -6.64
N LEU A 367 0.86 29.92 -6.19
CA LEU A 367 -0.33 30.60 -6.70
C LEU A 367 -0.32 32.07 -6.29
N CYS A 368 0.10 32.38 -5.07
CA CYS A 368 0.17 33.78 -4.65
C CYS A 368 1.23 34.52 -5.45
N PHE A 369 2.36 33.87 -5.73
CA PHE A 369 3.39 34.49 -6.58
C PHE A 369 2.85 34.73 -7.99
N TRP A 370 2.11 33.77 -8.52
CA TRP A 370 1.49 33.91 -9.83
C TRP A 370 0.52 35.09 -9.84
N GLY A 371 -0.29 35.21 -8.78
CA GLY A 371 -1.20 36.33 -8.67
C GLY A 371 -0.48 37.65 -8.60
N ALA A 372 0.62 37.69 -7.83
CA ALA A 372 1.43 38.91 -7.75
C ALA A 372 2.01 39.27 -9.12
N VAL A 373 2.47 38.27 -9.88
CA VAL A 373 3.05 38.54 -11.19
C VAL A 373 1.98 39.07 -12.14
N VAL A 374 0.79 38.48 -12.15
CA VAL A 374 -0.27 38.95 -13.04
C VAL A 374 -0.71 40.35 -12.63
N VAL A 375 -0.75 40.61 -11.31
CA VAL A 375 -1.11 41.94 -10.84
C VAL A 375 -0.06 42.96 -11.27
N VAL A 376 1.21 42.58 -11.20
CA VAL A 376 2.29 43.47 -11.63
C VAL A 376 2.17 43.76 -13.12
N ARG A 377 1.86 42.73 -13.91
CA ARG A 377 1.69 42.95 -15.35
C ARG A 377 0.49 43.85 -15.63
N GLY A 378 -0.59 43.67 -14.87
CA GLY A 378 -1.74 44.56 -15.03
C GLY A 378 -1.41 45.99 -14.67
N ALA A 379 -0.66 46.18 -13.59
CA ALA A 379 -0.25 47.52 -13.20
C ALA A 379 0.66 48.14 -14.26
N PHE A 380 1.56 47.34 -14.85
CA PHE A 380 2.41 47.86 -15.91
C PHE A 380 1.58 48.26 -17.13
N ARG A 381 0.61 47.44 -17.50
CA ARG A 381 -0.24 47.76 -18.65
C ARG A 381 -1.09 48.99 -18.36
N VAL A 382 -1.50 49.19 -17.11
CA VAL A 382 -2.18 50.43 -16.74
C VAL A 382 -1.24 51.61 -16.89
N TYR A 383 -0.01 51.47 -16.39
CA TYR A 383 1.02 52.46 -16.66
C TYR A 383 1.42 52.48 -18.13
N ARG A 384 1.18 51.39 -18.85
CA ARG A 384 1.35 51.35 -20.29
C ARG A 384 0.07 51.73 -21.03
N ALA A 385 -0.98 52.09 -20.28
CA ALA A 385 -2.22 52.58 -20.87
C ALA A 385 -2.27 54.09 -20.97
N THR A 386 -1.59 54.80 -20.08
CA THR A 386 -1.53 56.25 -20.13
C THR A 386 -0.39 56.71 -21.02
N TYR A 403 -15.33 44.19 -12.66
CA TYR A 403 -16.75 44.29 -13.01
C TYR A 403 -17.43 42.95 -12.88
N ILE A 404 -18.77 42.96 -12.95
CA ILE A 404 -19.54 41.73 -12.81
C ILE A 404 -19.17 40.74 -13.91
N ILE A 405 -18.90 41.24 -15.11
CA ILE A 405 -18.58 40.35 -16.23
C ILE A 405 -17.33 39.53 -15.91
N ALA A 406 -16.30 40.15 -15.34
CA ALA A 406 -15.10 39.43 -14.97
C ALA A 406 -15.30 38.59 -13.71
N LEU A 407 -16.03 39.13 -12.74
CA LEU A 407 -16.28 38.39 -11.51
C LEU A 407 -17.16 37.17 -11.72
N ALA A 408 -17.80 37.05 -12.89
CA ALA A 408 -18.59 35.86 -13.16
C ALA A 408 -17.74 34.60 -13.15
N VAL A 409 -16.48 34.71 -13.60
CA VAL A 409 -15.59 33.55 -13.68
C VAL A 409 -15.37 33.00 -12.27
N PRO A 410 -15.03 33.83 -11.27
CA PRO A 410 -15.04 33.33 -9.89
C PRO A 410 -16.38 32.72 -9.49
N GLY A 411 -17.49 33.27 -9.97
CA GLY A 411 -18.79 32.70 -9.63
C GLY A 411 -18.94 31.27 -10.09
N LEU A 412 -18.30 30.92 -11.21
CA LEU A 412 -18.33 29.54 -11.68
C LEU A 412 -17.30 28.68 -10.97
N VAL A 413 -16.10 29.23 -10.76
CA VAL A 413 -15.02 28.46 -10.15
C VAL A 413 -15.37 28.09 -8.71
N ALA A 414 -16.06 28.98 -8.01
CA ALA A 414 -16.45 28.68 -6.63
C ALA A 414 -17.32 27.43 -6.58
N ALA A 415 -18.37 27.38 -7.40
CA ALA A 415 -19.23 26.19 -7.42
C ALA A 415 -18.46 24.97 -7.90
N MET A 416 -17.60 25.14 -8.91
CA MET A 416 -16.84 24.02 -9.44
C MET A 416 -16.00 23.37 -8.33
N LEU A 417 -15.29 24.20 -7.55
CA LEU A 417 -14.47 23.66 -6.47
C LEU A 417 -15.34 23.13 -5.33
N TYR A 418 -16.49 23.77 -5.07
CA TYR A 418 -17.36 23.33 -3.99
C TYR A 418 -17.88 21.93 -4.25
N VAL A 419 -18.27 21.63 -5.50
CA VAL A 419 -18.84 20.33 -5.79
C VAL A 419 -17.75 19.28 -6.04
N ALA A 420 -16.52 19.72 -6.33
CA ALA A 420 -15.49 18.79 -6.80
C ALA A 420 -15.25 17.61 -5.88
N PRO A 421 -15.06 17.78 -4.57
CA PRO A 421 -14.85 16.59 -3.72
C PRO A 421 -16.02 15.61 -3.76
N GLY A 422 -17.25 16.12 -3.85
CA GLY A 422 -18.40 15.24 -3.95
C GLY A 422 -18.44 14.47 -5.25
N ILE A 423 -17.89 15.03 -6.33
CA ILE A 423 -17.79 14.29 -7.58
C ILE A 423 -16.76 13.18 -7.47
N LEU A 424 -15.61 13.48 -6.85
CA LEU A 424 -14.55 12.49 -6.75
C LEU A 424 -14.97 11.30 -5.90
N SER A 425 -15.62 11.55 -4.77
CA SER A 425 -16.09 10.51 -3.87
C SER A 425 -17.51 10.80 -3.44
N PRO A 426 -18.34 9.76 -3.24
CA PRO A 426 -19.74 10.00 -2.85
C PRO A 426 -19.84 10.45 -1.40
N GLY A 427 -20.59 11.53 -1.17
CA GLY A 427 -20.85 12.00 0.17
C GLY A 427 -19.68 12.71 0.83
N LEU A 428 -18.62 13.03 0.08
CA LEU A 428 -17.43 13.67 0.64
C LEU A 428 -17.68 15.17 0.70
N ASP A 429 -18.11 15.64 1.87
CA ASP A 429 -18.32 17.07 2.07
C ASP A 429 -17.00 17.79 2.25
N TRP A 430 -16.97 19.06 1.85
CA TRP A 430 -15.79 19.88 2.11
C TRP A 430 -15.53 19.99 3.60
N ARG A 431 -16.56 19.79 4.43
CA ARG A 431 -16.37 19.75 5.87
C ARG A 431 -15.35 18.67 6.24
N PHE A 432 -15.47 17.49 5.63
CA PHE A 432 -14.54 16.40 5.93
C PHE A 432 -13.11 16.79 5.54
N ILE A 433 -12.94 17.38 4.35
CA ILE A 433 -11.61 17.77 3.90
C ILE A 433 -11.01 18.80 4.86
N LEU A 434 -11.80 19.79 5.26
CA LEU A 434 -11.29 20.81 6.17
C LEU A 434 -10.93 20.21 7.52
N VAL A 435 -11.76 19.30 8.03
CA VAL A 435 -11.50 18.73 9.35
C VAL A 435 -10.26 17.85 9.34
N TRP A 436 -10.16 16.95 8.36
CA TRP A 436 -9.10 15.95 8.38
C TRP A 436 -7.81 16.45 7.76
N GLY A 437 -7.90 17.14 6.63
CA GLY A 437 -6.72 17.65 5.96
C GLY A 437 -6.07 18.76 6.76
N PRO A 438 -4.83 19.11 6.39
CA PRO A 438 -4.16 20.21 7.10
C PRO A 438 -4.89 21.53 6.88
N SER A 439 -4.73 22.44 7.84
CA SER A 439 -5.44 23.70 7.79
C SER A 439 -5.11 24.51 6.53
N SER A 440 -3.97 24.23 5.91
CA SER A 440 -3.61 24.94 4.69
C SER A 440 -4.48 24.52 3.50
N VAL A 441 -5.25 23.45 3.64
CA VAL A 441 -6.06 22.98 2.51
C VAL A 441 -7.07 24.05 2.11
N LEU A 442 -7.60 24.80 3.08
CA LEU A 442 -8.58 25.84 2.76
C LEU A 442 -7.99 26.86 1.80
N ALA A 443 -6.68 27.12 1.89
CA ALA A 443 -6.05 28.12 1.05
C ALA A 443 -6.07 27.75 -0.43
N ILE A 444 -6.32 26.48 -0.77
CA ILE A 444 -6.33 26.06 -2.17
C ILE A 444 -7.61 26.55 -2.83
N PRO A 445 -8.79 26.29 -2.26
CA PRO A 445 -10.00 26.94 -2.81
C PRO A 445 -9.85 28.45 -2.93
N PHE A 446 -9.52 29.13 -1.84
CA PHE A 446 -9.40 30.58 -1.88
C PHE A 446 -8.25 31.02 -2.76
N GLY A 447 -7.13 30.30 -2.75
CA GLY A 447 -6.02 30.66 -3.62
C GLY A 447 -6.41 30.60 -5.09
N ILE A 448 -7.06 29.50 -5.49
CA ILE A 448 -7.51 29.35 -6.87
C ILE A 448 -8.55 30.41 -7.22
N ILE A 449 -9.48 30.68 -6.31
CA ILE A 449 -10.53 31.65 -6.59
C ILE A 449 -9.93 33.04 -6.75
N LEU A 450 -8.99 33.41 -5.89
CA LEU A 450 -8.35 34.72 -6.00
C LEU A 450 -7.52 34.81 -7.28
N LEU A 451 -6.80 33.74 -7.63
CA LEU A 451 -6.03 33.75 -8.87
C LEU A 451 -6.95 33.93 -10.07
N ALA A 452 -8.06 33.19 -10.11
CA ALA A 452 -9.01 33.34 -11.21
C ALA A 452 -9.61 34.73 -11.22
N PHE A 453 -9.94 35.27 -10.04
CA PHE A 453 -10.48 36.62 -9.95
C PHE A 453 -9.53 37.62 -10.60
N VAL A 454 -8.28 37.65 -10.14
CA VAL A 454 -7.34 38.65 -10.65
C VAL A 454 -7.05 38.40 -12.12
N LEU A 455 -6.88 37.15 -12.53
CA LEU A 455 -6.51 36.85 -13.91
C LEU A 455 -7.63 37.22 -14.88
N THR A 456 -8.87 36.85 -14.55
CA THR A 456 -10.00 37.20 -15.40
C THR A 456 -10.23 38.71 -15.43
N LEU A 457 -10.08 39.38 -14.28
CA LEU A 457 -10.24 40.82 -14.26
C LEU A 457 -9.21 41.50 -15.13
N ASN A 458 -7.95 41.04 -15.06
CA ASN A 458 -6.90 41.64 -15.88
C ASN A 458 -7.10 41.31 -17.36
N HIS A 459 -7.60 40.11 -17.67
CA HIS A 459 -7.91 39.78 -19.06
C HIS A 459 -9.01 40.70 -19.60
N GLN A 460 -10.06 40.92 -18.81
CA GLN A 460 -11.12 41.84 -19.23
C GLN A 460 -10.60 43.26 -19.40
N ILE A 461 -9.72 43.69 -18.49
CA ILE A 461 -9.15 45.03 -18.60
C ILE A 461 -8.31 45.15 -19.87
N LYS A 462 -7.52 44.12 -20.17
CA LYS A 462 -6.73 44.13 -21.40
C LYS A 462 -7.63 44.17 -22.63
N ARG A 463 -8.73 43.42 -22.60
CA ARG A 463 -9.68 43.49 -23.71
C ARG A 463 -10.25 44.90 -23.85
N ILE A 464 -10.56 45.55 -22.72
CA ILE A 464 -11.04 46.93 -22.77
C ILE A 464 -9.94 47.85 -23.28
N LEU A 465 -8.71 47.66 -22.81
CA LEU A 465 -7.59 48.49 -23.23
C LEU A 465 -7.29 48.29 -24.71
N GLN B 9 -12.34 -30.17 -13.16
CA GLN B 9 -12.41 -28.78 -12.76
C GLN B 9 -13.61 -28.50 -11.86
N ASP B 10 -13.45 -27.56 -10.94
CA ASP B 10 -14.60 -26.99 -10.24
C ASP B 10 -15.18 -25.87 -11.09
N GLU B 11 -16.45 -26.00 -11.45
CA GLU B 11 -17.05 -25.05 -12.38
C GLU B 11 -16.95 -23.62 -11.84
N ARG B 12 -17.13 -23.45 -10.53
CA ARG B 12 -17.00 -22.13 -9.93
C ARG B 12 -15.57 -21.61 -10.06
N LEU B 13 -14.58 -22.48 -9.85
CA LEU B 13 -13.19 -22.06 -9.98
C LEU B 13 -12.86 -21.72 -11.43
N SER B 14 -13.40 -22.49 -12.39
CA SER B 14 -13.19 -22.16 -13.79
C SER B 14 -13.84 -20.83 -14.14
N THR B 15 -15.02 -20.56 -13.56
CA THR B 15 -15.65 -19.25 -13.74
C THR B 15 -14.78 -18.14 -13.17
N LEU B 16 -14.17 -18.38 -12.01
CA LEU B 16 -13.22 -17.42 -11.45
C LEU B 16 -12.08 -17.15 -12.43
N ILE B 17 -11.51 -18.22 -12.99
CA ILE B 17 -10.38 -18.09 -13.90
C ILE B 17 -10.79 -17.26 -15.12
N HIS B 18 -11.94 -17.59 -15.71
CA HIS B 18 -12.39 -16.88 -16.90
C HIS B 18 -12.72 -15.43 -16.59
N GLN B 19 -13.31 -15.17 -15.42
CA GLN B 19 -13.63 -13.80 -15.03
C GLN B 19 -12.36 -12.96 -14.91
N ARG B 20 -11.36 -13.50 -14.20
CA ARG B 20 -10.11 -12.75 -14.04
C ARG B 20 -9.42 -12.56 -15.38
N MET B 21 -9.43 -13.59 -16.24
CA MET B 21 -8.82 -13.46 -17.56
C MET B 21 -9.49 -12.36 -18.36
N GLN B 22 -10.83 -12.36 -18.40
CA GLN B 22 -11.54 -11.37 -19.19
C GLN B 22 -11.33 -9.96 -18.64
N GLU B 23 -11.36 -9.79 -17.32
CA GLU B 23 -11.16 -8.47 -16.75
C GLU B 23 -9.74 -7.97 -17.00
N ALA B 24 -8.74 -8.87 -16.95
CA ALA B 24 -7.38 -8.48 -17.27
C ALA B 24 -7.12 -8.38 -18.76
N LYS B 25 -8.00 -8.95 -19.60
CA LYS B 25 -7.87 -8.88 -21.05
C LYS B 25 -6.57 -9.48 -21.53
N VAL B 26 -6.03 -10.45 -20.80
CA VAL B 26 -4.79 -11.10 -21.22
C VAL B 26 -5.10 -12.07 -22.35
N PRO B 27 -4.23 -12.21 -23.36
CA PRO B 27 -4.54 -13.13 -24.46
C PRO B 27 -4.65 -14.58 -24.02
N ALA B 28 -3.86 -15.00 -23.03
CA ALA B 28 -3.89 -16.39 -22.60
C ALA B 28 -3.56 -16.47 -21.11
N LEU B 29 -4.11 -17.50 -20.46
CA LEU B 29 -3.90 -17.74 -19.05
C LEU B 29 -3.77 -19.24 -18.81
N SER B 30 -2.76 -19.62 -18.02
CA SER B 30 -2.52 -21.02 -17.69
C SER B 30 -2.40 -21.14 -16.18
N VAL B 31 -3.31 -21.91 -15.57
CA VAL B 31 -3.36 -22.07 -14.13
C VAL B 31 -3.47 -23.54 -13.79
N SER B 32 -2.66 -23.98 -12.82
CA SER B 32 -2.72 -25.33 -12.28
C SER B 32 -2.90 -25.26 -10.78
N VAL B 33 -3.81 -26.09 -10.26
CA VAL B 33 -4.15 -26.10 -8.84
C VAL B 33 -3.96 -27.52 -8.31
N THR B 34 -3.11 -27.66 -7.30
CA THR B 34 -2.84 -28.95 -6.66
C THR B 34 -3.40 -28.92 -5.25
N ILE B 35 -4.13 -29.98 -4.88
CA ILE B 35 -4.76 -30.09 -3.57
C ILE B 35 -4.41 -31.47 -3.02
N LYS B 36 -3.36 -31.53 -2.20
CA LYS B 36 -2.95 -32.75 -1.51
C LYS B 36 -3.03 -33.98 -2.41
N GLY B 37 -2.35 -33.88 -3.56
CA GLY B 37 -2.34 -34.93 -4.55
C GLY B 37 -3.33 -34.74 -5.68
N VAL B 38 -4.55 -34.32 -5.37
CA VAL B 38 -5.52 -34.01 -6.41
C VAL B 38 -5.10 -32.74 -7.13
N ARG B 39 -5.31 -32.73 -8.44
CA ARG B 39 -4.86 -31.61 -9.26
C ARG B 39 -5.95 -31.19 -10.23
N GLN B 40 -5.96 -29.89 -10.54
CA GLN B 40 -6.84 -29.33 -11.54
C GLN B 40 -6.03 -28.44 -12.46
N ARG B 41 -6.42 -28.36 -13.73
CA ARG B 41 -5.72 -27.58 -14.72
C ARG B 41 -6.69 -26.61 -15.40
N PHE B 42 -6.18 -25.42 -15.72
CA PHE B 42 -6.96 -24.37 -16.38
C PHE B 42 -6.05 -23.74 -17.42
N VAL B 43 -6.14 -24.25 -18.65
CA VAL B 43 -5.30 -23.83 -19.76
C VAL B 43 -6.24 -23.22 -20.79
N TYR B 44 -6.08 -21.92 -21.07
CA TYR B 44 -7.06 -21.17 -21.84
C TYR B 44 -6.38 -20.11 -22.69
N GLY B 45 -7.15 -19.55 -23.61
CA GLY B 45 -6.69 -18.44 -24.42
C GLY B 45 -5.86 -18.86 -25.62
N VAL B 46 -5.21 -17.87 -26.23
CA VAL B 46 -4.35 -18.06 -27.40
C VAL B 46 -2.95 -17.59 -27.04
N ALA B 47 -1.96 -18.46 -27.29
CA ALA B 47 -0.57 -18.09 -27.03
C ALA B 47 -0.08 -16.98 -27.95
N ASP B 48 -0.76 -16.72 -29.07
CA ASP B 48 -0.36 -15.67 -29.99
C ASP B 48 -1.59 -15.24 -30.77
N VAL B 49 -2.02 -13.99 -30.59
CA VAL B 49 -3.20 -13.50 -31.29
C VAL B 49 -2.90 -13.32 -32.78
N ALA B 50 -1.66 -13.01 -33.14
CA ALA B 50 -1.32 -12.75 -34.54
C ALA B 50 -1.60 -13.95 -35.43
N SER B 51 -1.62 -15.17 -34.88
CA SER B 51 -1.92 -16.37 -35.65
C SER B 51 -2.95 -17.26 -34.95
N GLN B 52 -3.59 -16.77 -33.89
CA GLN B 52 -4.59 -17.55 -33.17
C GLN B 52 -4.01 -18.89 -32.71
N LYS B 53 -2.75 -18.86 -32.26
CA LYS B 53 -2.09 -20.07 -31.78
C LYS B 53 -2.77 -20.54 -30.50
N ALA B 54 -3.50 -21.65 -30.58
CA ALA B 54 -4.25 -22.13 -29.43
C ALA B 54 -3.31 -22.44 -28.28
N ASN B 55 -3.65 -21.92 -27.09
CA ASN B 55 -2.80 -22.11 -25.93
C ASN B 55 -2.92 -23.54 -25.42
N THR B 56 -1.79 -24.13 -25.03
CA THR B 56 -1.72 -25.55 -24.76
C THR B 56 -0.72 -25.80 -23.63
N LEU B 57 -0.77 -27.00 -23.07
CA LEU B 57 0.14 -27.36 -21.99
C LEU B 57 1.60 -27.25 -22.42
N ASP B 58 1.89 -27.47 -23.70
CA ASP B 58 3.29 -27.52 -24.14
C ASP B 58 3.91 -26.15 -24.34
N THR B 59 3.11 -25.08 -24.36
CA THR B 59 3.65 -23.75 -24.59
C THR B 59 4.51 -23.29 -23.43
N VAL B 60 5.52 -22.48 -23.75
CA VAL B 60 6.52 -22.01 -22.79
C VAL B 60 6.19 -20.57 -22.40
N TYR B 61 6.23 -20.28 -21.11
CA TYR B 61 6.02 -18.93 -20.60
C TYR B 61 7.23 -18.45 -19.82
N GLU B 62 7.46 -17.14 -19.83
CA GLU B 62 8.52 -16.53 -19.03
C GLU B 62 8.07 -16.42 -17.59
N LEU B 63 8.92 -16.89 -16.67
CA LEU B 63 8.56 -16.94 -15.25
C LEU B 63 8.62 -15.58 -14.59
N GLY B 64 9.26 -14.59 -15.21
CA GLY B 64 9.43 -13.31 -14.53
C GLY B 64 10.28 -13.46 -13.30
N SER B 65 9.87 -12.79 -12.22
CA SER B 65 10.65 -12.79 -10.99
C SER B 65 10.61 -14.10 -10.24
N MET B 66 9.74 -15.05 -10.63
CA MET B 66 9.79 -16.37 -10.01
C MET B 66 11.11 -17.06 -10.28
N SER B 67 11.87 -16.58 -11.28
CA SER B 67 13.21 -17.09 -11.55
C SER B 67 14.04 -17.06 -10.26
N LYS B 68 13.76 -16.07 -9.41
CA LYS B 68 14.51 -15.93 -8.18
C LYS B 68 14.39 -17.15 -7.29
N ALA B 69 13.27 -17.87 -7.39
CA ALA B 69 13.13 -19.13 -6.66
C ALA B 69 14.16 -20.15 -7.14
N PHE B 70 14.35 -20.25 -8.45
CA PHE B 70 15.35 -21.17 -8.98
C PHE B 70 16.75 -20.76 -8.56
N THR B 71 17.07 -19.47 -8.71
CA THR B 71 18.39 -18.99 -8.31
C THR B 71 18.61 -19.16 -6.81
N GLY B 72 17.59 -18.86 -6.01
CA GLY B 72 17.70 -19.04 -4.58
C GLY B 72 17.93 -20.50 -4.21
N LEU B 73 17.22 -21.41 -4.87
CA LEU B 73 17.41 -22.83 -4.61
C LEU B 73 18.81 -23.29 -5.01
N VAL B 74 19.32 -22.78 -6.14
CA VAL B 74 20.68 -23.13 -6.56
C VAL B 74 21.68 -22.66 -5.51
N VAL B 75 21.51 -21.43 -5.03
CA VAL B 75 22.43 -20.88 -4.03
C VAL B 75 22.33 -21.68 -2.74
N GLN B 76 21.13 -22.10 -2.36
CA GLN B 76 20.98 -22.92 -1.16
C GLN B 76 21.62 -24.29 -1.34
N ILE B 77 21.55 -24.86 -2.54
CA ILE B 77 22.27 -26.09 -2.84
C ILE B 77 23.76 -25.88 -2.64
N LEU B 78 24.30 -24.83 -3.25
CA LEU B 78 25.72 -24.54 -3.11
C LEU B 78 26.10 -24.34 -1.66
N ILE B 79 25.20 -23.76 -0.87
CA ILE B 79 25.45 -23.54 0.55
C ILE B 79 25.46 -24.87 1.30
N GLN B 80 24.54 -25.77 0.95
CA GLN B 80 24.48 -27.08 1.60
C GLN B 80 25.77 -27.85 1.37
N GLU B 81 26.29 -27.83 0.14
CA GLU B 81 27.52 -28.55 -0.18
C GLU B 81 28.75 -27.86 0.38
N GLY B 82 28.62 -26.67 0.96
CA GLY B 82 29.74 -25.98 1.55
C GLY B 82 30.61 -25.20 0.59
N ARG B 83 30.22 -25.13 -0.70
CA ARG B 83 30.96 -24.31 -1.65
C ARG B 83 30.77 -22.83 -1.40
N LEU B 84 29.75 -22.45 -0.64
CA LEU B 84 29.42 -21.05 -0.39
C LEU B 84 28.76 -20.95 0.97
N ARG B 85 28.98 -19.82 1.65
CA ARG B 85 28.40 -19.59 2.97
C ARG B 85 27.68 -18.24 2.99
N GLN B 86 26.68 -18.15 3.87
CA GLN B 86 25.84 -16.96 3.92
C GLN B 86 26.65 -15.73 4.32
N GLY B 87 27.60 -15.89 5.23
CA GLY B 87 28.38 -14.78 5.75
C GLY B 87 29.56 -14.36 4.88
N ASP B 88 29.77 -15.00 3.75
CA ASP B 88 30.92 -14.69 2.91
C ASP B 88 30.82 -13.27 2.34
N ASP B 89 31.90 -12.52 2.47
CA ASP B 89 31.96 -11.18 1.88
C ASP B 89 31.92 -11.30 0.36
N ILE B 90 31.16 -10.42 -0.29
CA ILE B 90 30.96 -10.54 -1.73
C ILE B 90 32.27 -10.37 -2.48
N ILE B 91 33.20 -9.59 -1.94
CA ILE B 91 34.49 -9.39 -2.60
C ILE B 91 35.22 -10.71 -2.84
N THR B 92 34.93 -11.73 -2.03
CA THR B 92 35.59 -13.01 -2.20
C THR B 92 35.25 -13.65 -3.54
N TYR B 93 34.04 -13.40 -4.06
CA TYR B 93 33.59 -13.96 -5.32
C TYR B 93 33.44 -12.94 -6.44
N LEU B 94 33.30 -11.66 -6.12
CA LEU B 94 33.27 -10.59 -7.12
C LEU B 94 34.29 -9.53 -6.72
N PRO B 95 35.58 -9.79 -6.94
CA PRO B 95 36.61 -8.80 -6.57
C PRO B 95 36.42 -7.46 -7.25
N GLU B 96 35.79 -7.43 -8.43
CA GLU B 96 35.58 -6.18 -9.15
C GLU B 96 34.49 -5.32 -8.53
N MET B 97 33.73 -5.85 -7.56
CA MET B 97 32.59 -5.14 -7.02
C MET B 97 33.04 -4.02 -6.08
N ARG B 98 32.43 -2.85 -6.25
CA ARG B 98 32.57 -1.74 -5.30
C ARG B 98 31.21 -1.10 -5.11
N LEU B 99 30.81 -0.92 -3.85
CA LEU B 99 29.52 -0.32 -3.51
C LEU B 99 29.73 0.70 -2.39
N ASN B 100 29.01 1.81 -2.48
CA ASN B 100 29.20 2.95 -1.58
C ASN B 100 27.94 3.22 -0.76
N TYR B 101 28.13 3.51 0.52
CA TYR B 101 27.07 4.01 1.39
C TYR B 101 27.57 5.31 2.00
N GLN B 102 26.88 6.41 1.70
CA GLN B 102 27.33 7.74 2.12
C GLN B 102 28.76 8.02 1.66
N GLY B 103 29.13 7.47 0.50
CA GLY B 103 30.46 7.63 -0.03
C GLY B 103 31.50 6.71 0.58
N LYS B 104 31.13 5.88 1.55
CA LYS B 104 32.06 4.96 2.18
C LYS B 104 31.89 3.55 1.60
N PRO B 105 32.95 2.85 1.21
CA PRO B 105 32.79 1.48 0.71
C PRO B 105 32.11 0.60 1.74
N ALA B 106 31.17 -0.22 1.27
CA ALA B 106 30.35 -1.07 2.13
C ALA B 106 30.59 -2.53 1.80
N SER B 107 30.85 -3.33 2.83
CA SER B 107 31.03 -4.77 2.66
C SER B 107 29.68 -5.46 2.77
N LEU B 108 29.31 -6.22 1.75
CA LEU B 108 28.04 -6.93 1.69
C LEU B 108 28.28 -8.43 1.71
N THR B 109 27.63 -9.14 2.62
CA THR B 109 27.65 -10.59 2.60
C THR B 109 26.72 -11.10 1.49
N VAL B 110 26.96 -12.35 1.07
CA VAL B 110 26.08 -12.96 0.08
C VAL B 110 24.67 -13.05 0.63
N ALA B 111 24.54 -13.17 1.96
CA ALA B 111 23.22 -13.16 2.58
C ALA B 111 22.50 -11.84 2.35
N ASP B 112 23.25 -10.73 2.31
CA ASP B 112 22.60 -9.43 2.10
C ASP B 112 21.89 -9.39 0.76
N PHE B 113 22.55 -9.87 -0.30
CA PHE B 113 21.88 -9.96 -1.59
C PHE B 113 20.81 -11.03 -1.58
N LEU B 114 21.06 -12.15 -0.88
CA LEU B 114 20.13 -13.26 -0.91
C LEU B 114 18.77 -12.89 -0.35
N TYR B 115 18.73 -12.05 0.69
CA TYR B 115 17.49 -11.66 1.35
C TYR B 115 17.11 -10.21 1.06
N HIS B 116 17.64 -9.63 -0.01
CA HIS B 116 17.30 -8.26 -0.43
C HIS B 116 17.54 -7.26 0.70
N THR B 117 18.66 -7.41 1.40
CA THR B 117 19.13 -6.41 2.34
C THR B 117 20.45 -5.79 1.88
N SER B 118 20.64 -5.70 0.56
CA SER B 118 21.89 -5.19 0.01
C SER B 118 21.93 -3.67 -0.06
N GLY B 119 20.77 -3.02 -0.12
CA GLY B 119 20.71 -1.59 -0.29
C GLY B 119 20.79 -1.09 -1.72
N LEU B 120 20.84 -1.99 -2.70
CA LEU B 120 20.83 -1.57 -4.10
C LEU B 120 19.52 -0.85 -4.41
N PRO B 121 19.54 0.20 -5.22
CA PRO B 121 18.31 0.90 -5.55
C PRO B 121 17.54 0.29 -6.72
N PHE B 122 16.23 0.52 -6.71
CA PHE B 122 15.37 -0.13 -7.69
C PHE B 122 15.72 0.30 -9.11
N SER B 123 16.22 1.52 -9.28
CA SER B 123 16.58 1.99 -10.61
C SER B 123 17.69 1.16 -11.24
N THR B 124 18.41 0.36 -10.44
CA THR B 124 19.39 -0.55 -11.02
C THR B 124 18.76 -1.51 -12.00
N LEU B 125 17.47 -1.82 -11.82
CA LEU B 125 16.78 -2.68 -12.79
C LEU B 125 16.89 -2.09 -14.20
N ALA B 126 16.79 -0.77 -14.30
CA ALA B 126 16.90 -0.12 -15.61
C ALA B 126 18.27 -0.34 -16.24
N ARG B 127 19.33 -0.32 -15.44
CA ARG B 127 20.68 -0.45 -15.98
C ARG B 127 21.05 -1.89 -16.30
N LEU B 128 20.68 -2.85 -15.45
CA LEU B 128 20.95 -4.25 -15.79
C LEU B 128 19.99 -4.75 -16.86
N GLU B 129 18.77 -4.22 -16.92
CA GLU B 129 17.86 -4.57 -17.99
C GLU B 129 18.38 -4.12 -19.36
N ASN B 130 19.34 -3.21 -19.39
CA ASN B 130 19.91 -2.78 -20.65
C ASN B 130 20.59 -3.96 -21.34
N PRO B 131 20.25 -4.29 -22.58
CA PRO B 131 20.94 -5.42 -23.25
C PRO B 131 22.43 -5.20 -23.41
N MET B 132 22.89 -3.95 -23.50
CA MET B 132 24.33 -3.67 -23.58
C MET B 132 24.92 -4.34 -24.81
N SER B 135 30.79 -6.69 -20.22
CA SER B 135 30.57 -6.19 -18.87
C SER B 135 29.75 -7.18 -18.04
N ALA B 136 30.32 -7.58 -16.91
CA ALA B 136 29.63 -8.43 -15.95
C ALA B 136 28.78 -7.59 -15.01
N VAL B 137 28.21 -8.26 -14.00
CA VAL B 137 27.37 -7.58 -13.02
C VAL B 137 28.17 -6.51 -12.27
N ALA B 138 29.46 -6.76 -12.04
CA ALA B 138 30.30 -5.79 -11.34
C ALA B 138 30.37 -4.47 -12.11
N GLN B 139 30.59 -4.54 -13.42
CA GLN B 139 30.69 -3.32 -14.22
C GLN B 139 29.39 -2.55 -14.22
N GLN B 140 28.26 -3.26 -14.40
CA GLN B 140 26.96 -2.60 -14.39
C GLN B 140 26.56 -2.11 -13.00
N LEU B 141 27.23 -2.58 -11.95
CA LEU B 141 27.00 -2.10 -10.60
C LEU B 141 28.21 -1.39 -10.02
N ARG B 142 29.25 -1.14 -10.82
CA ARG B 142 30.45 -0.50 -10.32
C ARG B 142 30.12 0.87 -9.74
N ASN B 143 30.55 1.10 -8.49
CA ASN B 143 30.41 2.40 -7.84
C ASN B 143 28.94 2.81 -7.67
N GLU B 144 28.04 1.83 -7.58
CA GLU B 144 26.65 2.13 -7.32
C GLU B 144 26.47 2.63 -5.89
N ASN B 145 25.54 3.55 -5.69
CA ASN B 145 25.26 4.16 -4.40
C ASN B 145 24.04 3.50 -3.79
N LEU B 146 24.19 2.96 -2.58
CA LEU B 146 23.12 2.20 -1.96
C LEU B 146 22.06 3.12 -1.38
N LEU B 147 20.82 2.61 -1.33
CA LEU B 147 19.72 3.35 -0.71
C LEU B 147 19.80 3.28 0.81
N PHE B 148 20.33 2.18 1.35
CA PHE B 148 20.39 2.01 2.79
C PHE B 148 21.53 1.06 3.13
N ALA B 149 21.89 1.03 4.41
CA ALA B 149 22.99 0.19 4.86
C ALA B 149 22.66 -1.28 4.67
N PRO B 150 23.65 -2.12 4.37
CA PRO B 150 23.40 -3.56 4.29
C PRO B 150 22.83 -4.10 5.59
N GLY B 151 21.81 -4.95 5.46
CA GLY B 151 21.21 -5.60 6.60
C GLY B 151 20.34 -4.71 7.48
N ALA B 152 20.21 -3.43 7.15
CA ALA B 152 19.42 -2.51 7.95
C ALA B 152 17.98 -2.37 7.47
N LYS B 153 17.64 -2.94 6.31
CA LYS B 153 16.32 -2.76 5.73
C LYS B 153 16.04 -3.88 4.74
N PHE B 154 14.76 -4.05 4.43
CA PHE B 154 14.32 -4.94 3.36
C PHE B 154 13.73 -4.10 2.24
N SER B 155 14.27 -4.28 1.03
CA SER B 155 13.78 -3.56 -0.14
C SER B 155 13.92 -4.48 -1.35
N TYR B 156 12.80 -4.72 -2.04
CA TYR B 156 12.77 -5.72 -3.11
C TYR B 156 13.36 -5.14 -4.40
N ALA B 157 14.63 -4.78 -4.33
CA ALA B 157 15.39 -4.38 -5.51
C ALA B 157 15.63 -5.61 -6.37
N SER B 158 14.95 -5.68 -7.52
CA SER B 158 14.99 -6.88 -8.34
C SER B 158 16.40 -7.19 -8.83
N ALA B 159 17.29 -6.21 -8.84
CA ALA B 159 18.64 -6.43 -9.35
C ALA B 159 19.49 -7.28 -8.42
N ASN B 160 19.02 -7.55 -7.21
CA ASN B 160 19.86 -8.23 -6.21
C ASN B 160 20.29 -9.61 -6.67
N TYR B 161 19.37 -10.40 -7.24
CA TYR B 161 19.68 -11.78 -7.57
C TYR B 161 20.58 -11.93 -8.79
N ASP B 162 20.79 -10.87 -9.57
CA ASP B 162 21.81 -10.93 -10.61
C ASP B 162 23.20 -11.05 -9.99
N VAL B 163 23.43 -10.35 -8.88
CA VAL B 163 24.66 -10.55 -8.13
C VAL B 163 24.77 -11.99 -7.66
N LEU B 164 23.65 -12.58 -7.24
CA LEU B 164 23.66 -14.00 -6.91
C LEU B 164 23.95 -14.85 -8.13
N GLY B 165 23.51 -14.42 -9.31
CA GLY B 165 23.87 -15.13 -10.53
C GLY B 165 25.37 -15.13 -10.76
N ALA B 166 26.00 -13.97 -10.58
CA ALA B 166 27.46 -13.89 -10.71
C ALA B 166 28.15 -14.75 -9.66
N VAL B 167 27.61 -14.75 -8.44
CA VAL B 167 28.18 -15.58 -7.38
C VAL B 167 28.10 -17.05 -7.76
N ILE B 168 26.94 -17.48 -8.27
CA ILE B 168 26.78 -18.86 -8.72
C ILE B 168 27.81 -19.17 -9.80
N GLU B 169 27.93 -18.28 -10.79
CA GLU B 169 28.81 -18.54 -11.91
C GLU B 169 30.26 -18.69 -11.45
N ASN B 170 30.71 -17.78 -10.58
CA ASN B 170 32.11 -17.82 -10.16
C ASN B 170 32.39 -18.99 -9.21
N VAL B 171 31.51 -19.21 -8.23
CA VAL B 171 31.74 -20.29 -7.27
C VAL B 171 31.66 -21.64 -7.95
N THR B 172 30.75 -21.80 -8.91
CA THR B 172 30.53 -23.09 -9.57
C THR B 172 31.37 -23.24 -10.83
N GLY B 173 31.85 -22.14 -11.41
CA GLY B 173 32.73 -22.21 -12.56
C GLY B 173 32.05 -22.57 -13.86
N LYS B 174 30.75 -22.30 -13.97
CA LYS B 174 30.00 -22.58 -15.19
C LYS B 174 29.02 -21.44 -15.44
N THR B 175 28.58 -21.32 -16.69
CA THR B 175 27.56 -20.34 -17.02
C THR B 175 26.24 -20.71 -16.35
N PHE B 176 25.45 -19.68 -16.03
CA PHE B 176 24.28 -19.89 -15.18
C PHE B 176 23.34 -20.94 -15.75
N THR B 177 23.16 -20.96 -17.07
CA THR B 177 22.22 -21.91 -17.67
C THR B 177 22.63 -23.34 -17.39
N GLU B 178 23.93 -23.64 -17.51
CA GLU B 178 24.40 -24.99 -17.23
C GLU B 178 24.23 -25.35 -15.76
N VAL B 179 24.46 -24.40 -14.85
CA VAL B 179 24.25 -24.67 -13.44
C VAL B 179 22.79 -25.00 -13.18
N ILE B 180 21.87 -24.23 -13.76
CA ILE B 180 20.45 -24.51 -13.59
C ILE B 180 20.12 -25.90 -14.12
N ALA B 181 20.55 -26.20 -15.34
CA ALA B 181 20.23 -27.49 -15.95
C ALA B 181 20.76 -28.64 -15.11
N GLU B 182 21.96 -28.48 -14.55
CA GLU B 182 22.57 -29.57 -13.78
C GLU B 182 21.93 -29.72 -12.42
N ARG B 183 21.54 -28.61 -11.78
CA ARG B 183 21.15 -28.65 -10.37
C ARG B 183 19.65 -28.79 -10.16
N LEU B 184 18.82 -28.12 -10.97
CA LEU B 184 17.38 -28.09 -10.74
C LEU B 184 16.63 -28.86 -11.81
N THR B 185 16.83 -28.53 -13.08
CA THR B 185 16.00 -29.10 -14.14
C THR B 185 16.18 -30.61 -14.24
N GLN B 186 17.43 -31.08 -14.29
CA GLN B 186 17.66 -32.50 -14.52
C GLN B 186 17.35 -33.33 -13.28
N PRO B 187 17.85 -33.00 -12.09
CA PRO B 187 17.50 -33.82 -10.91
C PRO B 187 16.01 -33.89 -10.64
N LEU B 188 15.26 -32.82 -10.92
CA LEU B 188 13.82 -32.81 -10.70
C LEU B 188 13.04 -33.41 -11.86
N GLY B 189 13.73 -33.85 -12.93
CA GLY B 189 13.04 -34.45 -14.06
C GLY B 189 12.24 -33.47 -14.89
N MET B 190 12.48 -32.18 -14.75
CA MET B 190 11.74 -31.19 -15.54
C MET B 190 12.23 -31.22 -16.98
N SER B 191 11.29 -31.17 -17.92
CA SER B 191 11.58 -31.47 -19.31
C SER B 191 11.95 -30.25 -20.15
N ALA B 192 11.46 -29.06 -19.81
CA ALA B 192 11.62 -27.90 -20.67
C ALA B 192 12.12 -26.64 -19.96
N THR B 193 12.06 -26.56 -18.64
CA THR B 193 12.50 -25.36 -17.94
C THR B 193 13.98 -25.11 -18.22
N VAL B 194 14.31 -23.90 -18.66
CA VAL B 194 15.67 -23.55 -19.05
C VAL B 194 15.90 -22.07 -18.76
N ALA B 195 17.11 -21.74 -18.33
CA ALA B 195 17.54 -20.35 -18.21
C ALA B 195 18.23 -19.96 -19.52
N VAL B 196 17.63 -19.01 -20.25
CA VAL B 196 18.11 -18.70 -21.58
C VAL B 196 19.54 -18.18 -21.53
N LYS B 197 20.32 -18.54 -22.54
CA LYS B 197 21.67 -17.99 -22.69
C LYS B 197 21.59 -16.63 -23.35
N GLY B 198 20.86 -15.71 -22.72
CA GLY B 198 20.63 -14.40 -23.34
C GLY B 198 19.53 -14.48 -24.38
N ASP B 199 19.64 -13.65 -25.41
CA ASP B 199 18.66 -13.66 -26.49
C ASP B 199 18.66 -15.03 -27.16
N GLU B 200 17.48 -15.65 -27.24
CA GLU B 200 17.39 -17.02 -27.71
C GLU B 200 16.01 -17.27 -28.32
N ILE B 201 15.93 -18.34 -29.11
CA ILE B 201 14.68 -18.80 -29.71
C ILE B 201 14.31 -20.14 -29.09
N ILE B 202 13.06 -20.28 -28.65
CA ILE B 202 12.56 -21.48 -28.01
C ILE B 202 11.28 -21.91 -28.70
N VAL B 203 11.11 -23.22 -28.84
CA VAL B 203 9.98 -23.76 -29.60
C VAL B 203 8.67 -23.50 -28.85
N ASN B 204 7.68 -23.00 -29.57
CA ASN B 204 6.32 -22.85 -29.05
C ASN B 204 6.27 -21.92 -27.84
N LYS B 205 7.18 -20.95 -27.78
CA LYS B 205 7.06 -19.90 -26.77
C LYS B 205 5.87 -19.01 -27.10
N ALA B 206 5.08 -18.69 -26.07
CA ALA B 206 3.97 -17.78 -26.26
C ALA B 206 4.49 -16.37 -26.49
N SER B 207 4.00 -15.72 -27.53
CA SER B 207 4.46 -14.36 -27.86
C SER B 207 4.03 -13.40 -26.77
N GLY B 208 4.98 -12.62 -26.27
CA GLY B 208 4.67 -11.67 -25.21
C GLY B 208 3.73 -10.58 -25.68
N TYR B 209 2.90 -10.11 -24.76
CA TYR B 209 1.95 -9.05 -25.04
C TYR B 209 1.95 -8.02 -23.92
N LYS B 210 1.69 -6.77 -24.29
CA LYS B 210 1.59 -5.68 -23.32
C LYS B 210 0.43 -4.78 -23.74
N LEU B 211 -0.24 -4.20 -22.74
CA LEU B 211 -1.44 -3.41 -23.02
C LEU B 211 -1.08 -2.14 -23.77
N GLY B 212 -1.94 -1.78 -24.73
CA GLY B 212 -1.82 -0.51 -25.42
C GLY B 212 -3.14 -0.04 -25.98
N PHE B 213 -3.53 1.19 -25.64
CA PHE B 213 -4.77 1.78 -26.12
C PHE B 213 -5.96 0.84 -25.93
N GLY B 214 -5.98 0.14 -24.80
CA GLY B 214 -7.12 -0.66 -24.41
C GLY B 214 -7.14 -2.09 -24.90
N LYS B 215 -6.18 -2.48 -25.72
CA LYS B 215 -6.12 -3.84 -26.25
C LYS B 215 -4.66 -4.33 -26.24
N PRO B 216 -4.45 -5.64 -26.21
CA PRO B 216 -3.08 -6.16 -26.17
C PRO B 216 -2.30 -5.76 -27.41
N VAL B 217 -1.00 -5.50 -27.22
CA VAL B 217 -0.07 -5.22 -28.31
C VAL B 217 1.07 -6.21 -28.21
N LEU B 218 1.39 -6.87 -29.33
CA LEU B 218 2.48 -7.83 -29.35
C LEU B 218 3.79 -7.10 -29.07
N PHE B 219 4.50 -7.53 -28.03
CA PHE B 219 5.70 -6.84 -27.56
C PHE B 219 6.80 -7.86 -27.34
N HIS B 220 8.00 -7.55 -27.84
CA HIS B 220 9.17 -8.39 -27.65
C HIS B 220 10.40 -7.50 -27.53
N ALA B 221 11.27 -7.82 -26.58
CA ALA B 221 12.50 -7.10 -26.34
C ALA B 221 13.63 -8.09 -26.10
N PRO B 222 14.88 -7.72 -26.39
CA PRO B 222 15.99 -8.64 -26.12
C PRO B 222 16.05 -9.03 -24.66
N LEU B 223 16.41 -10.29 -24.41
CA LEU B 223 16.54 -10.81 -23.05
C LEU B 223 17.97 -10.59 -22.61
N ALA B 224 18.18 -9.55 -21.78
CA ALA B 224 19.51 -9.24 -21.30
C ALA B 224 20.16 -10.48 -20.72
N ARG B 225 21.37 -10.79 -21.22
CA ARG B 225 22.07 -11.98 -20.74
C ARG B 225 22.26 -11.96 -19.24
N ASN B 226 22.58 -10.81 -18.68
CA ASN B 226 22.96 -10.70 -17.28
C ASN B 226 21.77 -10.68 -16.33
N HIS B 227 20.55 -10.52 -16.84
CA HIS B 227 19.36 -10.49 -15.99
C HIS B 227 18.68 -11.84 -15.85
N VAL B 228 19.15 -12.86 -16.56
CA VAL B 228 18.52 -14.19 -16.54
C VAL B 228 18.55 -14.76 -15.13
N PRO B 229 19.64 -14.62 -14.35
CA PRO B 229 19.66 -15.17 -13.00
C PRO B 229 18.64 -14.55 -12.05
N ALA B 230 17.88 -13.55 -12.50
CA ALA B 230 16.81 -12.99 -11.69
C ALA B 230 15.46 -12.97 -12.41
N ALA B 231 15.42 -13.25 -13.71
CA ALA B 231 14.18 -13.33 -14.46
C ALA B 231 14.44 -14.12 -15.74
N TYR B 232 13.48 -14.11 -16.65
CA TYR B 232 13.63 -14.66 -17.99
C TYR B 232 13.87 -16.17 -18.01
N ILE B 233 13.73 -16.86 -16.88
CA ILE B 233 13.77 -18.31 -16.92
C ILE B 233 12.46 -18.82 -17.52
N HIS B 234 12.58 -19.73 -18.47
CA HIS B 234 11.45 -20.19 -19.27
C HIS B 234 10.99 -21.54 -18.77
N SER B 235 9.68 -21.77 -18.80
CA SER B 235 9.12 -23.02 -18.31
C SER B 235 7.73 -23.23 -18.89
N THR B 236 7.27 -24.48 -18.82
CA THR B 236 5.93 -24.88 -19.20
C THR B 236 5.11 -25.21 -17.97
N LEU B 237 3.79 -25.21 -18.13
CA LEU B 237 2.92 -25.48 -16.99
C LEU B 237 3.14 -26.87 -16.41
N PRO B 238 3.27 -27.95 -17.21
CA PRO B 238 3.62 -29.24 -16.59
C PRO B 238 4.90 -29.18 -15.79
N ASP B 239 5.91 -28.47 -16.30
CA ASP B 239 7.17 -28.34 -15.56
C ASP B 239 6.94 -27.64 -14.23
N MET B 240 6.08 -26.62 -14.21
CA MET B 240 5.81 -25.93 -12.95
C MET B 240 4.97 -26.78 -12.01
N GLU B 241 4.15 -27.69 -12.55
CA GLU B 241 3.48 -28.66 -11.70
C GLU B 241 4.50 -29.57 -11.03
N ILE B 242 5.51 -30.03 -11.77
CA ILE B 242 6.57 -30.82 -11.14
C ILE B 242 7.34 -29.97 -10.13
N TRP B 243 7.53 -28.68 -10.43
CA TRP B 243 8.20 -27.77 -9.51
C TRP B 243 7.46 -27.69 -8.19
N ILE B 244 6.14 -27.46 -8.28
CA ILE B 244 5.29 -27.39 -7.09
C ILE B 244 5.33 -28.71 -6.33
N ASP B 245 5.26 -29.83 -7.06
CA ASP B 245 5.29 -31.14 -6.42
C ASP B 245 6.59 -31.35 -5.67
N ALA B 246 7.71 -30.95 -6.28
CA ALA B 246 9.01 -31.09 -5.63
C ALA B 246 9.07 -30.25 -4.37
N TRP B 247 8.48 -29.04 -4.38
CA TRP B 247 8.50 -28.23 -3.17
C TRP B 247 7.58 -28.79 -2.09
N LEU B 248 6.39 -29.24 -2.45
CA LEU B 248 5.40 -29.63 -1.44
C LEU B 248 5.80 -30.91 -0.73
N HIS B 249 6.19 -31.94 -1.48
CA HIS B 249 6.59 -33.21 -0.91
C HIS B 249 7.90 -33.66 -1.54
N ARG B 250 8.77 -34.27 -0.73
CA ARG B 250 10.18 -34.40 -1.07
C ARG B 250 10.73 -35.80 -0.80
N LYS B 251 9.90 -36.84 -0.84
CA LYS B 251 10.36 -38.18 -0.50
C LYS B 251 11.44 -38.68 -1.46
N ALA B 252 11.28 -38.42 -2.75
CA ALA B 252 12.16 -39.00 -3.77
C ALA B 252 13.40 -38.18 -4.03
N LEU B 253 13.52 -36.98 -3.46
CA LEU B 253 14.60 -36.09 -3.81
C LEU B 253 15.92 -36.52 -3.16
N PRO B 254 17.05 -36.07 -3.72
CA PRO B 254 18.34 -36.31 -3.05
C PRO B 254 18.40 -35.60 -1.71
N ALA B 255 19.23 -36.14 -0.81
CA ALA B 255 19.34 -35.57 0.53
C ALA B 255 19.82 -34.13 0.48
N THR B 256 20.82 -33.84 -0.34
CA THR B 256 21.32 -32.47 -0.44
C THR B 256 20.22 -31.53 -0.94
N LEU B 257 19.47 -31.96 -1.96
CA LEU B 257 18.39 -31.13 -2.48
C LEU B 257 17.30 -30.92 -1.45
N ARG B 258 16.94 -31.98 -0.71
CA ARG B 258 15.92 -31.86 0.30
C ARG B 258 16.33 -30.87 1.39
N GLU B 259 17.57 -30.98 1.87
CA GLU B 259 18.04 -30.07 2.91
C GLU B 259 18.14 -28.64 2.37
N ALA B 260 18.51 -28.48 1.10
CA ALA B 260 18.56 -27.14 0.52
C ALA B 260 17.17 -26.52 0.47
N MET B 261 16.16 -27.29 0.07
CA MET B 261 14.80 -26.77 0.07
C MET B 261 14.33 -26.45 1.49
N SER B 262 14.68 -27.30 2.46
CA SER B 262 14.30 -27.01 3.84
C SER B 262 14.87 -25.68 4.30
N ASN B 263 16.13 -25.41 3.97
CA ASN B 263 16.74 -24.13 4.34
C ASN B 263 16.21 -22.99 3.47
N SER B 264 15.73 -23.29 2.27
CA SER B 264 15.30 -22.25 1.35
C SER B 264 14.14 -21.43 1.90
N TRP B 265 13.32 -22.00 2.79
CA TRP B 265 12.16 -21.30 3.34
C TRP B 265 12.45 -20.59 4.65
N ARG B 266 13.70 -20.61 5.12
CA ARG B 266 14.05 -19.93 6.36
C ARG B 266 13.92 -18.42 6.16
N GLY B 267 12.92 -17.82 6.81
CA GLY B 267 12.69 -16.40 6.65
C GLY B 267 13.80 -15.59 7.29
N ASN B 268 14.15 -14.47 6.67
CA ASN B 268 15.16 -13.56 7.21
C ASN B 268 14.51 -12.67 8.25
N SER B 269 14.63 -13.06 9.51
CA SER B 269 13.95 -12.35 10.59
C SER B 269 14.62 -11.04 10.96
N ASP B 270 15.92 -10.90 10.69
CA ASP B 270 16.68 -9.74 11.16
C ASP B 270 16.59 -8.60 10.14
N VAL B 271 15.39 -8.04 10.02
CA VAL B 271 15.17 -6.80 9.26
C VAL B 271 14.02 -6.06 9.92
N PRO B 272 14.04 -4.73 9.97
CA PRO B 272 12.85 -4.02 10.48
C PRO B 272 11.63 -4.30 9.61
N LEU B 273 10.49 -4.48 10.25
CA LEU B 273 9.23 -4.78 9.57
C LEU B 273 8.22 -3.70 9.88
N ALA B 274 7.53 -3.23 8.85
CA ALA B 274 6.50 -2.22 9.03
C ALA B 274 5.31 -2.80 9.80
N ALA B 275 4.46 -1.90 10.30
CA ALA B 275 3.37 -2.31 11.17
C ALA B 275 2.40 -3.25 10.46
N ASP B 276 2.05 -2.93 9.20
CA ASP B 276 0.95 -3.60 8.51
C ASP B 276 1.42 -4.60 7.46
N ASN B 277 2.73 -4.89 7.39
CA ASN B 277 3.21 -5.80 6.37
C ASN B 277 3.76 -7.10 6.97
N ARG B 278 4.81 -6.99 7.78
CA ARG B 278 5.44 -8.15 8.43
C ARG B 278 5.59 -9.35 7.49
N ILE B 279 5.83 -9.10 6.20
CA ILE B 279 6.06 -10.20 5.27
C ILE B 279 7.54 -10.58 5.34
N LEU B 280 7.81 -11.82 5.78
CA LEU B 280 9.18 -12.31 5.80
C LEU B 280 9.57 -12.79 4.41
N TYR B 281 10.86 -12.66 4.10
CA TYR B 281 11.40 -13.06 2.81
C TYR B 281 12.50 -14.09 3.02
N ALA B 282 12.26 -15.31 2.54
CA ALA B 282 13.26 -16.36 2.55
C ALA B 282 14.06 -16.30 1.25
N SER B 283 14.88 -17.30 0.97
CA SER B 283 15.75 -17.27 -0.21
C SER B 283 14.91 -17.51 -1.46
N GLY B 284 14.09 -16.51 -1.79
CA GLY B 284 13.27 -16.57 -2.99
C GLY B 284 11.79 -16.47 -2.74
N TRP B 285 11.33 -16.91 -1.57
CA TRP B 285 9.91 -17.01 -1.26
C TRP B 285 9.51 -16.01 -0.20
N PHE B 286 8.40 -15.30 -0.43
CA PHE B 286 7.71 -14.63 0.65
C PHE B 286 7.19 -15.66 1.64
N ILE B 287 7.41 -15.43 2.92
CA ILE B 287 6.94 -16.31 3.99
C ILE B 287 5.93 -15.54 4.82
N ASP B 288 4.70 -16.05 4.87
CA ASP B 288 3.62 -15.44 5.63
C ASP B 288 3.00 -16.49 6.53
N GLN B 289 3.00 -16.23 7.84
CA GLN B 289 2.47 -17.19 8.81
C GLN B 289 0.96 -17.12 8.97
N ASN B 290 0.32 -16.07 8.45
CA ASN B 290 -1.12 -15.91 8.63
C ASN B 290 -1.87 -16.95 7.82
N GLN B 291 -2.60 -17.83 8.51
CA GLN B 291 -3.39 -18.88 7.87
C GLN B 291 -2.55 -19.61 6.82
N GLY B 292 -1.41 -20.12 7.27
CA GLY B 292 -0.42 -20.68 6.38
C GLY B 292 0.39 -21.79 7.02
N PRO B 293 1.71 -21.80 6.80
CA PRO B 293 2.53 -20.83 6.05
C PRO B 293 2.08 -20.65 4.60
N TYR B 294 1.79 -19.41 4.20
CA TYR B 294 1.43 -19.08 2.82
C TYR B 294 2.71 -18.66 2.12
N ILE B 295 3.36 -19.61 1.45
CA ILE B 295 4.67 -19.41 0.86
C ILE B 295 4.47 -19.13 -0.62
N SER B 296 4.89 -17.95 -1.07
CA SER B 296 4.53 -17.48 -2.40
C SER B 296 5.55 -16.48 -2.90
N HIS B 297 5.49 -16.22 -4.20
CA HIS B 297 6.21 -15.12 -4.82
C HIS B 297 5.29 -14.52 -5.87
N GLY B 298 5.84 -13.74 -6.79
CA GLY B 298 5.05 -13.09 -7.83
C GLY B 298 5.94 -12.19 -8.66
N GLY B 299 5.77 -12.25 -9.98
CA GLY B 299 6.65 -11.53 -10.87
C GLY B 299 6.00 -11.07 -12.15
N GLN B 300 6.17 -9.79 -12.48
CA GLN B 300 5.67 -9.22 -13.73
C GLN B 300 6.85 -8.79 -14.57
N ASN B 301 7.03 -9.43 -15.72
CA ASN B 301 8.01 -8.99 -16.69
C ASN B 301 7.35 -7.95 -17.59
N PRO B 302 8.11 -7.25 -18.45
CA PRO B 302 7.46 -6.27 -19.33
C PRO B 302 6.36 -6.86 -20.18
N ASN B 303 6.52 -8.11 -20.62
CA ASN B 303 5.51 -8.77 -21.46
C ASN B 303 5.04 -10.10 -20.89
N PHE B 304 5.35 -10.39 -19.62
CA PHE B 304 4.86 -11.62 -18.98
C PHE B 304 4.66 -11.34 -17.50
N SER B 305 3.81 -12.15 -16.88
CA SER B 305 3.58 -12.09 -15.45
C SER B 305 3.24 -13.48 -14.93
N SER B 306 3.67 -13.75 -13.70
CA SER B 306 3.48 -15.08 -13.12
C SER B 306 3.56 -14.98 -11.60
N CYS B 307 2.68 -15.72 -10.93
CA CYS B 307 2.68 -15.81 -9.47
C CYS B 307 2.41 -17.25 -9.06
N ILE B 308 3.12 -17.69 -8.02
CA ILE B 308 3.00 -19.05 -7.50
C ILE B 308 2.78 -18.97 -5.99
N ALA B 309 1.93 -19.84 -5.47
CA ALA B 309 1.59 -19.82 -4.05
C ALA B 309 1.59 -21.24 -3.52
N LEU B 310 2.31 -21.46 -2.41
CA LEU B 310 2.38 -22.75 -1.75
C LEU B 310 1.86 -22.61 -0.32
N ARG B 311 1.03 -23.55 0.10
CA ARG B 311 0.52 -23.62 1.47
C ARG B 311 0.79 -25.03 1.98
N PRO B 312 2.04 -25.35 2.30
CA PRO B 312 2.42 -26.76 2.52
C PRO B 312 1.67 -27.46 3.64
N ASP B 313 1.28 -26.73 4.69
CA ASP B 313 0.59 -27.38 5.80
C ASP B 313 -0.68 -28.10 5.34
N GLN B 314 -1.34 -27.60 4.31
CA GLN B 314 -2.45 -28.29 3.68
C GLN B 314 -2.10 -28.83 2.30
N GLN B 315 -0.85 -28.71 1.89
CA GLN B 315 -0.37 -29.26 0.62
C GLN B 315 -1.18 -28.71 -0.56
N ILE B 316 -1.51 -27.43 -0.50
CA ILE B 316 -2.14 -26.73 -1.60
C ILE B 316 -1.07 -25.93 -2.35
N GLY B 317 -1.07 -26.06 -3.67
CA GLY B 317 -0.10 -25.36 -4.50
C GLY B 317 -0.71 -24.77 -5.75
N ILE B 318 -0.59 -23.46 -5.91
CA ILE B 318 -1.17 -22.76 -7.05
C ILE B 318 -0.06 -22.23 -7.94
N VAL B 319 -0.37 -22.00 -9.22
CA VAL B 319 0.57 -21.40 -10.16
C VAL B 319 -0.24 -20.77 -11.29
N ALA B 320 0.10 -19.54 -11.65
CA ALA B 320 -0.56 -18.82 -12.72
C ALA B 320 0.50 -18.23 -13.64
N LEU B 321 0.64 -18.82 -14.83
CA LEU B 321 1.51 -18.29 -15.87
C LEU B 321 0.65 -17.64 -16.94
N ALA B 322 0.95 -16.38 -17.26
CA ALA B 322 0.13 -15.59 -18.16
C ALA B 322 0.97 -15.04 -19.30
N ASN B 323 0.31 -14.75 -20.41
CA ASN B 323 0.96 -14.24 -21.61
C ASN B 323 1.15 -12.74 -21.59
N MET B 324 0.73 -12.05 -20.53
CA MET B 324 0.72 -10.60 -20.51
C MET B 324 0.93 -10.09 -19.10
N ASN B 325 1.48 -8.88 -18.99
CA ASN B 325 1.69 -8.24 -17.70
C ASN B 325 0.40 -7.58 -17.24
N SER B 326 -0.07 -7.94 -16.05
CA SER B 326 -1.26 -7.34 -15.47
C SER B 326 -1.32 -7.73 -14.00
N ASN B 327 -1.60 -6.74 -13.15
CA ASN B 327 -1.59 -6.98 -11.71
C ASN B 327 -2.63 -8.01 -11.31
N LEU B 328 -3.69 -8.18 -12.10
CA LEU B 328 -4.74 -9.11 -11.74
C LEU B 328 -4.23 -10.55 -11.68
N ILE B 329 -3.23 -10.88 -12.49
CA ILE B 329 -2.68 -12.24 -12.52
C ILE B 329 -1.47 -12.29 -11.61
N LEU B 330 -1.33 -11.30 -10.75
CA LEU B 330 -0.44 -11.39 -9.59
C LEU B 330 -1.24 -11.61 -8.32
N GLN B 331 -2.48 -11.14 -8.28
CA GLN B 331 -3.43 -11.49 -7.23
C GLN B 331 -4.21 -12.76 -7.53
N LEU B 332 -4.02 -13.34 -8.72
CA LEU B 332 -4.84 -14.48 -9.12
C LEU B 332 -4.59 -15.70 -8.24
N CYS B 333 -3.33 -15.98 -7.91
CA CYS B 333 -3.04 -17.11 -7.04
C CYS B 333 -3.59 -16.89 -5.63
N ALA B 334 -3.54 -15.65 -5.14
CA ALA B 334 -4.15 -15.36 -3.85
C ALA B 334 -5.67 -15.56 -3.91
N ASP B 335 -6.30 -15.14 -5.00
CA ASP B 335 -7.74 -15.35 -5.14
C ASP B 335 -8.10 -16.82 -5.18
N ILE B 336 -7.32 -17.62 -5.91
CA ILE B 336 -7.58 -19.05 -5.99
C ILE B 336 -7.39 -19.71 -4.63
N ASP B 337 -6.35 -19.30 -3.91
CA ASP B 337 -6.14 -19.83 -2.56
C ASP B 337 -7.30 -19.44 -1.65
N ASN B 338 -7.80 -18.21 -1.79
CA ASN B 338 -8.96 -17.79 -0.99
C ASN B 338 -10.18 -18.64 -1.31
N TYR B 339 -10.39 -18.95 -2.59
CA TYR B 339 -11.50 -19.82 -2.96
C TYR B 339 -11.34 -21.20 -2.33
N LEU B 340 -10.14 -21.77 -2.41
CA LEU B 340 -9.93 -23.10 -1.83
C LEU B 340 -10.15 -23.08 -0.32
N ARG B 341 -9.70 -22.01 0.34
CA ARG B 341 -9.77 -21.94 1.80
C ARG B 341 -11.19 -21.69 2.30
N ILE B 342 -11.92 -20.80 1.62
CA ILE B 342 -13.21 -20.32 2.10
C ILE B 342 -14.34 -20.66 1.14
N GLY B 343 -14.10 -20.54 -0.15
CA GLY B 343 -15.17 -20.54 -1.14
C GLY B 343 -15.65 -19.16 -1.52
N LYS B 344 -14.95 -18.11 -1.07
CA LYS B 344 -15.25 -16.74 -1.43
C LYS B 344 -13.97 -16.08 -1.92
N TYR B 345 -14.11 -15.10 -2.81
CA TYR B 345 -12.96 -14.40 -3.35
C TYR B 345 -13.32 -12.93 -3.58
N ALA B 346 -12.29 -12.09 -3.51
CA ALA B 346 -12.49 -10.65 -3.53
C ALA B 346 -12.74 -10.14 -4.94
N ASP B 347 -13.25 -8.91 -5.02
CA ASP B 347 -13.43 -8.24 -6.30
C ASP B 347 -12.07 -7.93 -6.92
N GLY B 348 -12.03 -7.95 -8.25
CA GLY B 348 -10.78 -7.70 -8.97
C GLY B 348 -10.17 -6.35 -8.65
N ALA B 349 -8.91 -6.35 -8.23
CA ALA B 349 -8.23 -5.10 -7.92
C ALA B 349 -7.98 -4.30 -9.20
N GLY B 350 -7.97 -2.98 -9.05
CA GLY B 350 -7.70 -2.10 -10.18
C GLY B 350 -6.29 -2.27 -10.71
N ASP B 351 -6.16 -2.85 -11.89
CA ASP B 351 -4.85 -3.10 -12.47
C ASP B 351 -4.14 -1.77 -12.75
N ALA B 352 -2.90 -1.67 -12.28
CA ALA B 352 -2.14 -0.43 -12.51
C ALA B 352 -1.89 -0.20 -13.99
N ILE B 353 -1.54 -1.26 -14.72
CA ILE B 353 -1.27 -1.11 -16.16
C ILE B 353 -2.54 -0.67 -16.88
N THR B 354 -3.66 -1.32 -16.59
CA THR B 354 -4.92 -0.95 -17.23
C THR B 354 -5.32 0.48 -16.90
N ALA B 355 -5.18 0.85 -15.62
CA ALA B 355 -5.54 2.22 -15.22
C ALA B 355 -4.68 3.24 -15.94
N THR B 356 -3.36 3.00 -16.00
CA THR B 356 -2.47 3.94 -16.66
C THR B 356 -2.77 4.02 -18.16
N ASP B 357 -3.02 2.87 -18.80
CA ASP B 357 -3.31 2.88 -20.23
C ASP B 357 -4.60 3.63 -20.52
N THR B 358 -5.65 3.41 -19.71
CA THR B 358 -6.90 4.14 -19.92
C THR B 358 -6.72 5.62 -19.66
N LEU B 359 -5.94 5.98 -18.63
CA LEU B 359 -5.68 7.38 -18.34
C LEU B 359 -4.98 8.05 -19.52
N PHE B 360 -3.98 7.39 -20.09
CA PHE B 360 -3.30 7.95 -21.26
C PHE B 360 -4.20 7.99 -22.48
N VAL B 361 -5.07 6.99 -22.68
CA VAL B 361 -6.04 7.09 -23.76
C VAL B 361 -6.86 8.36 -23.60
N TYR B 362 -7.48 8.54 -22.43
CA TYR B 362 -8.30 9.72 -22.19
C TYR B 362 -7.50 10.99 -22.41
N LEU B 363 -6.30 11.08 -21.83
CA LEU B 363 -5.59 12.35 -21.82
C LEU B 363 -4.99 12.69 -23.18
N THR B 364 -4.47 11.69 -23.90
CA THR B 364 -3.97 11.95 -25.24
C THR B 364 -5.10 12.27 -26.21
N LEU B 365 -6.25 11.61 -26.07
CA LEU B 365 -7.40 11.97 -26.89
C LEU B 365 -7.83 13.40 -26.60
N LEU B 366 -7.83 13.79 -25.32
CA LEU B 366 -8.17 15.16 -24.96
C LEU B 366 -7.16 16.14 -25.54
N LEU B 367 -5.88 15.78 -25.52
CA LEU B 367 -4.86 16.67 -26.09
C LEU B 367 -5.03 16.81 -27.59
N CYS B 368 -5.37 15.71 -28.28
CA CYS B 368 -5.61 15.79 -29.71
C CYS B 368 -6.84 16.64 -30.01
N PHE B 369 -7.88 16.51 -29.19
CA PHE B 369 -9.07 17.36 -29.35
C PHE B 369 -8.71 18.83 -29.12
N TRP B 370 -7.88 19.10 -28.12
CA TRP B 370 -7.42 20.46 -27.86
C TRP B 370 -6.66 21.01 -29.05
N GLY B 371 -5.77 20.19 -29.62
CA GLY B 371 -5.03 20.61 -30.80
C GLY B 371 -5.94 20.88 -31.98
N ALA B 372 -6.94 20.03 -32.19
CA ALA B 372 -7.90 20.26 -33.26
C ALA B 372 -8.67 21.56 -33.05
N VAL B 373 -9.06 21.84 -31.81
CA VAL B 373 -9.80 23.07 -31.53
C VAL B 373 -8.93 24.29 -31.80
N VAL B 374 -7.67 24.26 -31.36
CA VAL B 374 -6.80 25.42 -31.58
C VAL B 374 -6.52 25.59 -33.07
N VAL B 375 -6.38 24.48 -33.79
CA VAL B 375 -6.17 24.56 -35.24
C VAL B 375 -7.40 25.16 -35.91
N VAL B 376 -8.59 24.76 -35.47
CA VAL B 376 -9.83 25.32 -36.04
C VAL B 376 -9.89 26.82 -35.77
N ARG B 377 -9.54 27.24 -34.56
CA ARG B 377 -9.54 28.67 -34.25
C ARG B 377 -8.51 29.41 -35.10
N GLY B 378 -7.35 28.81 -35.31
CA GLY B 378 -6.36 29.43 -36.17
C GLY B 378 -6.84 29.59 -37.60
N ALA B 379 -7.51 28.56 -38.13
CA ALA B 379 -8.08 28.65 -39.47
C ALA B 379 -9.15 29.73 -39.53
N PHE B 380 -9.99 29.82 -38.49
CA PHE B 380 -11.02 30.86 -38.46
C PHE B 380 -10.40 32.25 -38.43
N ARG B 381 -9.33 32.44 -37.66
CA ARG B 381 -8.66 33.73 -37.62
C ARG B 381 -8.00 34.05 -38.96
N VAL B 382 -7.43 33.03 -39.61
CA VAL B 382 -6.85 33.25 -40.94
C VAL B 382 -7.93 33.68 -41.93
N TYR B 383 -9.10 33.05 -41.87
CA TYR B 383 -10.20 33.45 -42.74
C TYR B 383 -10.65 34.87 -42.43
N ARG B 384 -10.73 35.22 -41.15
CA ARG B 384 -11.12 36.58 -40.76
C ARG B 384 -10.09 37.62 -41.17
N ALA B 385 -8.83 37.21 -41.32
CA ALA B 385 -7.77 38.11 -41.75
C ALA B 385 -7.84 38.39 -43.25
N THR B 386 -8.16 37.37 -44.03
CA THR B 386 -8.25 37.49 -45.49
C THR B 386 -9.20 38.62 -45.87
N TYR B 403 7.32 29.01 -38.17
CA TYR B 403 8.67 29.54 -38.29
C TYR B 403 9.55 29.06 -37.14
N ILE B 404 10.86 29.31 -37.25
CA ILE B 404 11.79 28.86 -36.22
C ILE B 404 11.47 29.51 -34.89
N ILE B 405 11.00 30.76 -34.90
CA ILE B 405 10.69 31.44 -33.66
C ILE B 405 9.62 30.69 -32.88
N ALA B 406 8.62 30.16 -33.58
CA ALA B 406 7.57 29.39 -32.90
C ALA B 406 8.04 27.98 -32.58
N LEU B 407 8.79 27.36 -33.50
CA LEU B 407 9.27 26.00 -33.27
C LEU B 407 10.31 25.94 -32.15
N ALA B 408 10.82 27.09 -31.70
CA ALA B 408 11.75 27.07 -30.56
C ALA B 408 11.09 26.50 -29.32
N VAL B 409 9.80 26.76 -29.12
CA VAL B 409 9.09 26.29 -27.93
C VAL B 409 9.10 24.77 -27.91
N PRO B 410 8.75 24.08 -29.00
CA PRO B 410 8.99 22.62 -29.04
C PRO B 410 10.42 22.24 -28.75
N GLY B 411 11.39 23.02 -29.22
CA GLY B 411 12.78 22.72 -28.96
C GLY B 411 13.13 22.71 -27.48
N LEU B 412 12.40 23.47 -26.67
CA LEU B 412 12.57 23.48 -25.22
C LEU B 412 11.75 22.39 -24.55
N VAL B 413 10.51 22.20 -25.01
CA VAL B 413 9.64 21.20 -24.41
C VAL B 413 10.22 19.81 -24.61
N ALA B 414 10.86 19.56 -25.75
CA ALA B 414 11.46 18.25 -25.99
C ALA B 414 12.47 17.91 -24.90
N ALA B 415 13.42 18.83 -24.65
CA ALA B 415 14.41 18.60 -23.61
C ALA B 415 13.75 18.51 -22.23
N MET B 416 12.76 19.38 -21.98
CA MET B 416 12.10 19.38 -20.68
C MET B 416 11.48 18.01 -20.38
N LEU B 417 10.80 17.43 -21.36
CA LEU B 417 10.18 16.12 -21.16
C LEU B 417 11.22 15.02 -21.15
N TYR B 418 12.29 15.16 -21.95
CA TYR B 418 13.33 14.14 -21.99
C TYR B 418 14.01 14.01 -20.63
N VAL B 419 14.30 15.13 -19.97
CA VAL B 419 15.00 15.08 -18.70
C VAL B 419 14.05 14.84 -17.52
N ALA B 420 12.75 15.04 -17.71
CA ALA B 420 11.81 14.99 -16.58
C ALA B 420 11.85 13.68 -15.81
N PRO B 421 11.79 12.50 -16.43
CA PRO B 421 11.83 11.27 -15.63
C PRO B 421 13.07 11.14 -14.79
N GLY B 422 14.23 11.57 -15.30
CA GLY B 422 15.45 11.52 -14.52
C GLY B 422 15.44 12.45 -13.33
N ILE B 423 14.73 13.57 -13.42
CA ILE B 423 14.59 14.46 -12.27
C ILE B 423 13.74 13.82 -11.19
N LEU B 424 12.65 13.15 -11.58
CA LEU B 424 11.75 12.56 -10.60
C LEU B 424 12.43 11.42 -9.85
N SER B 425 13.19 10.58 -10.56
CA SER B 425 13.91 9.47 -9.96
C SER B 425 15.31 9.39 -10.54
N PRO B 426 16.30 9.00 -9.73
CA PRO B 426 17.68 8.95 -10.24
C PRO B 426 17.88 7.77 -11.18
N GLY B 427 18.50 8.04 -12.32
CA GLY B 427 18.84 6.99 -13.26
C GLY B 427 17.67 6.41 -14.03
N LEU B 428 16.50 7.03 -13.96
CA LEU B 428 15.30 6.52 -14.60
C LEU B 428 15.27 6.99 -16.05
N ASP B 429 15.70 6.13 -16.96
CA ASP B 429 15.73 6.47 -18.38
C ASP B 429 14.33 6.40 -18.98
N TRP B 430 14.11 7.20 -20.03
CA TRP B 430 12.86 7.07 -20.78
C TRP B 430 12.73 5.67 -21.38
N ARG B 431 13.86 4.99 -21.60
CA ARG B 431 13.82 3.61 -22.07
C ARG B 431 13.02 2.74 -21.11
N PHE B 432 13.25 2.92 -19.80
CA PHE B 432 12.52 2.14 -18.81
C PHE B 432 11.02 2.42 -18.87
N ILE B 433 10.64 3.70 -18.99
CA ILE B 433 9.24 4.06 -19.05
C ILE B 433 8.59 3.44 -20.27
N LEU B 434 9.27 3.52 -21.43
CA LEU B 434 8.71 2.95 -22.65
C LEU B 434 8.57 1.43 -22.54
N VAL B 435 9.57 0.77 -21.96
CA VAL B 435 9.55 -0.69 -21.88
C VAL B 435 8.45 -1.16 -20.93
N TRP B 436 8.38 -0.58 -19.74
CA TRP B 436 7.49 -1.09 -18.71
C TRP B 436 6.08 -0.52 -18.81
N GLY B 437 5.95 0.78 -19.05
CA GLY B 437 4.64 1.39 -19.16
C GLY B 437 3.93 0.94 -20.41
N PRO B 438 2.62 1.21 -20.49
CA PRO B 438 1.87 0.83 -21.70
C PRO B 438 2.37 1.59 -22.91
N SER B 439 2.21 0.98 -24.08
CA SER B 439 2.73 1.57 -25.31
C SER B 439 2.15 2.95 -25.58
N SER B 440 0.99 3.27 -25.00
CA SER B 440 0.40 4.60 -25.18
C SER B 440 1.19 5.68 -24.46
N VAL B 441 2.11 5.31 -23.58
CA VAL B 441 2.87 6.31 -22.83
C VAL B 441 3.66 7.20 -23.77
N LEU B 442 4.13 6.65 -24.90
CA LEU B 442 4.90 7.44 -25.85
C LEU B 442 4.07 8.59 -26.41
N ALA B 443 2.76 8.38 -26.57
CA ALA B 443 1.91 9.41 -27.14
C ALA B 443 1.82 10.66 -26.26
N ILE B 444 2.22 10.57 -25.01
CA ILE B 444 2.15 11.72 -24.10
C ILE B 444 3.27 12.70 -24.45
N PRO B 445 4.52 12.27 -24.56
CA PRO B 445 5.56 13.20 -25.04
C PRO B 445 5.22 13.82 -26.38
N PHE B 446 4.93 12.99 -27.38
CA PHE B 446 4.60 13.53 -28.70
C PHE B 446 3.30 14.33 -28.68
N GLY B 447 2.31 13.89 -27.90
CA GLY B 447 1.08 14.67 -27.80
C GLY B 447 1.32 16.07 -27.25
N ILE B 448 2.09 16.15 -26.16
CA ILE B 448 2.40 17.43 -25.56
C ILE B 448 3.23 18.28 -26.52
N ILE B 449 4.20 17.67 -27.19
CA ILE B 449 5.06 18.42 -28.10
C ILE B 449 4.26 18.96 -29.27
N LEU B 450 3.35 18.15 -29.82
CA LEU B 450 2.52 18.61 -30.93
C LEU B 450 1.56 19.70 -30.48
N LEU B 451 0.97 19.56 -29.29
CA LEU B 451 0.09 20.60 -28.77
C LEU B 451 0.86 21.91 -28.60
N ALA B 452 2.05 21.85 -28.03
CA ALA B 452 2.87 23.05 -27.89
C ALA B 452 3.24 23.63 -29.25
N PHE B 453 3.62 22.77 -30.19
CA PHE B 453 3.92 23.20 -31.55
C PHE B 453 2.77 24.03 -32.11
N VAL B 454 1.58 23.44 -32.19
CA VAL B 454 0.46 24.12 -32.82
C VAL B 454 0.06 25.36 -32.03
N LEU B 455 0.05 25.28 -30.70
CA LEU B 455 -0.41 26.41 -29.89
C LEU B 455 0.56 27.59 -30.01
N THR B 456 1.85 27.33 -29.91
CA THR B 456 2.84 28.40 -30.06
C THR B 456 2.83 28.98 -31.46
N LEU B 457 2.69 28.12 -32.49
CA LEU B 457 2.66 28.63 -33.85
C LEU B 457 1.43 29.52 -34.07
N ASN B 458 0.28 29.11 -33.53
CA ASN B 458 -0.92 29.92 -33.68
C ASN B 458 -0.84 31.21 -32.86
N HIS B 459 -0.21 31.16 -31.69
CA HIS B 459 0.01 32.38 -30.92
C HIS B 459 0.89 33.36 -31.69
N GLN B 460 1.97 32.86 -32.29
CA GLN B 460 2.84 33.72 -33.09
C GLN B 460 2.09 34.29 -34.29
N ILE B 461 1.27 33.46 -34.94
CA ILE B 461 0.50 33.93 -36.09
C ILE B 461 -0.47 35.02 -35.67
N LYS B 462 -1.17 34.83 -34.55
CA LYS B 462 -2.09 35.85 -34.05
C LYS B 462 -1.35 37.14 -33.70
N ARG B 463 -0.15 37.03 -33.11
CA ARG B 463 0.65 38.22 -32.86
C ARG B 463 1.00 38.92 -34.17
N ILE B 464 1.36 38.15 -35.20
CA ILE B 464 1.64 38.74 -36.51
C ILE B 464 0.38 39.37 -37.09
N LEU B 465 -0.75 38.68 -36.98
CA LEU B 465 -2.01 39.19 -37.50
C LEU B 465 -2.43 40.47 -36.76
#